data_7Y72
#
_entry.id   7Y72
#
_cell.length_a   1.00
_cell.length_b   1.00
_cell.length_c   1.00
_cell.angle_alpha   90.00
_cell.angle_beta   90.00
_cell.angle_gamma   90.00
#
_symmetry.space_group_name_H-M   'P 1'
#
loop_
_entity.id
_entity.type
_entity.pdbx_description
1 polymer 'Spike glycoprotein'
2 polymer 'Fab E7 light chain'
3 polymer 'Fab E7 heavy chain'
#
loop_
_entity_poly.entity_id
_entity_poly.type
_entity_poly.pdbx_seq_one_letter_code
_entity_poly.pdbx_strand_id
1 'polypeptide(L)'
;VNLTTRTQLPPAYTNSFTRGVYYPDKVFRSSVLHSTQDLFLPFFSNVTWFHAIHVSGTNGTKRFDNPVLPFNDGVYFAST
EKSNIIRGWIFGTTLDSKTQSLLIVNNATNVVIKVCEFQFCNDPFLGVYYHKNNKSWMESEFRVYSSANNCTFEYVSQPF
LMDLEGKQGNFKNLREFVFKNIDGYFKIYSKHTPINLVRDLPQGFSALEPLVDLPIGINITRFQTLLALHRSYLTPGDSS
SGWTAGAAAYYVGYLQPRTFLLKYNENGTITDAVDCALDPLSETKCTLKSFTVEKGIYQTSNFRVQPTESIVRFPNITNL
CPFGEVFNATRFASVYAWNRKRISNCVADYSVLYNSASFSTFKCYGVSPTKLNDLCFTNVYADSFVIRGDEVRQIAPGQT
GKIADYNYKLPDDFTGCVIAWNSNNLDSKVGGNYNYLYRLFRKSNLKPFERDISTEIYQAGSTPCNGVEGFNCYFPLQSY
GFQPTNGVGYQPYRVVVLSFELLHAPATVCGPKKSTNLVKNKCVNFNFNGLTGTGVLTESNKKFLPFQQFGRDIADTTDA
VRDPQTLEILDITPCSFGGVSVITPGTNTSNQVAVLYQDVNCTEVPVAIHADQLTPTWRVYSTGSNVFQTRAGCLIGAEH
VNNSYECDIPIGAGICASYQTQTNSPRAAASVASQSIIAYTMSLGAENSVAYSNNSIAIPTNFTISVTTEILPVSMTKTS
VDCTMYICGDSTECSNLLLQYGSFCTQLNRALTGIAVEQDKNTQEVFAQVKQIYKTPPIKDFGGFNFSQILPDPSKPSKR
SPIEDLLFNKVTLADAGFIKQYGDCLGDIAARDLICAQKFNGLTVLPPLLTDEMIAQYTSALLAGTITSGWTFGAGPALQ
IPFPMQMAYRFNGIGVTQNVLYENQKLIANQFNSAIGKIQDSLSSTPSALGKLQDVVNQNAQALNTLVKQLSSNFGAISS
VLNDILSRLDPPEAEVQIDRLITGRLQSLQTYVTQQLIRAAEIRASANLAATKMSECVLGQSKRVDFCGKGYHLMSFPQS
APHGVVFLHVTYVPAQEKNFTTAPAICHDGKAHFPREGVFVSNGTHWFVTQRNFYEPQIITTDNTFVSGNCDVVIGIVNN
TVYDPLQPELDSFKEELDKYFKNHTSPDVDLGDISGINASVVNIQKEIDRLNEVAKNLNESLIDLQELGKYEQYIKWP
;
A,C
2 'polypeptide(L)'
;DIVMTQSPLSLPVTPGEPASISCRSSQSLLQNNGYNYLAWYLQKPGQSPQLLIYLSSTRASGVPDRFSGSGSGTDFTLKI
SRVEAEDVGVYYCMQSLQIPGTFGQGTRLEIKRTVAAPSVFIFPPSDEQLKSGTASVVCLLNNFYPREAKVQWKVDNALQ
SGNSQESVTEQDSKDSTYSLSSTLTLSKADYEKHKVYACEVTHQGLSSPVTKSFNRGEC
;
P
3 'polypeptide(L)'
;QVQLQESGPGLVKPSETLSLTCTVSGGFIGPHYWSWVRQPPGKGLEWIGYIYISGSTNYNPSLKSRLTISVDMSKSQFSL
TLSSATAADTAVYYCARGGGYLETGPFEYWGQGTLVTVSSASTKGPSVFPLAPSSKSTSGGTAALGCLVKDYFPEPVTVS
WNSGALTSGVHTFPAVLQSSGLYSLSSVVTVPSSSLGTQTYICNVNHKPSNTKVDKRVEPK
;
O
#
# COMPACT_ATOMS: atom_id res chain seq x y z
N LEU A 320 11.31 -24.79 46.59
CA LEU A 320 10.72 -23.71 45.80
C LEU A 320 11.69 -23.23 44.72
N CYS A 321 11.15 -22.81 43.58
CA CYS A 321 11.97 -22.41 42.45
C CYS A 321 12.41 -20.95 42.64
N PRO A 322 13.72 -20.68 42.69
CA PRO A 322 14.22 -19.30 42.85
C PRO A 322 14.30 -18.50 41.56
N PHE A 323 13.16 -17.90 41.18
CA PHE A 323 13.14 -17.01 40.02
C PHE A 323 14.02 -15.79 40.20
N GLY A 324 14.30 -15.39 41.45
CA GLY A 324 15.05 -14.18 41.68
C GLY A 324 16.48 -14.25 41.15
N GLU A 325 17.00 -15.46 40.97
CA GLU A 325 18.36 -15.61 40.45
C GLU A 325 18.47 -15.08 39.02
N VAL A 326 17.47 -15.36 38.19
CA VAL A 326 17.53 -14.99 36.78
C VAL A 326 16.88 -13.62 36.54
N PHE A 327 15.85 -13.27 37.33
CA PHE A 327 15.18 -11.99 37.14
C PHE A 327 15.86 -10.84 37.88
N ASN A 328 16.85 -11.14 38.73
CA ASN A 328 17.57 -10.11 39.47
C ASN A 328 19.06 -10.37 39.42
N ALA A 329 19.55 -10.89 38.30
CA ALA A 329 20.97 -11.16 38.15
C ALA A 329 21.73 -9.85 37.95
N THR A 330 23.07 -9.95 37.99
CA THR A 330 23.92 -8.78 37.85
C THR A 330 24.30 -8.52 36.39
N ARG A 331 24.71 -9.55 35.67
CA ARG A 331 25.11 -9.42 34.27
C ARG A 331 24.23 -10.32 33.40
N PHE A 332 23.93 -9.84 32.20
CA PHE A 332 23.11 -10.56 31.24
C PHE A 332 23.93 -10.83 29.99
N ALA A 333 23.89 -12.08 29.51
CA ALA A 333 24.64 -12.46 28.33
C ALA A 333 24.10 -11.74 27.10
N SER A 334 24.96 -11.58 26.10
CA SER A 334 24.54 -10.96 24.85
C SER A 334 23.61 -11.89 24.09
N VAL A 335 23.01 -11.36 23.02
CA VAL A 335 21.96 -12.10 22.31
C VAL A 335 22.52 -13.34 21.65
N TYR A 336 23.75 -13.27 21.13
CA TYR A 336 24.29 -14.36 20.33
C TYR A 336 24.54 -15.60 21.18
N ALA A 337 25.38 -15.48 22.20
CA ALA A 337 25.65 -16.58 23.13
C ALA A 337 24.77 -16.42 24.37
N TRP A 338 23.50 -16.75 24.20
CA TRP A 338 22.52 -16.57 25.27
C TRP A 338 22.56 -17.73 26.25
N ASN A 339 22.72 -17.41 27.53
CA ASN A 339 22.82 -18.42 28.57
C ASN A 339 21.44 -19.03 28.83
N ARG A 340 21.38 -20.37 28.82
CA ARG A 340 20.13 -21.08 29.05
C ARG A 340 20.00 -21.48 30.52
N LYS A 341 18.84 -22.02 30.84
CA LYS A 341 18.58 -22.52 32.19
C LYS A 341 17.53 -23.62 32.10
N ARG A 342 17.56 -24.51 33.09
CA ARG A 342 16.55 -25.57 33.19
C ARG A 342 16.26 -25.78 34.67
N ILE A 343 15.01 -25.55 35.06
CA ILE A 343 14.61 -25.62 36.46
C ILE A 343 13.44 -26.58 36.60
N SER A 344 13.46 -27.38 37.65
CA SER A 344 12.43 -28.38 37.91
C SER A 344 12.53 -28.82 39.35
N ASN A 345 11.56 -29.65 39.76
CA ASN A 345 11.52 -30.25 41.09
C ASN A 345 11.52 -29.18 42.19
N CYS A 346 10.55 -28.27 42.09
CA CYS A 346 10.39 -27.20 43.06
C CYS A 346 8.97 -26.65 42.94
N VAL A 347 8.70 -25.55 43.65
CA VAL A 347 7.39 -24.91 43.62
C VAL A 347 7.61 -23.44 43.29
N ALA A 348 7.03 -22.97 42.20
CA ALA A 348 7.13 -21.59 41.77
C ALA A 348 5.73 -21.01 41.67
N ASP A 349 5.54 -19.84 42.25
CA ASP A 349 4.26 -19.14 42.16
C ASP A 349 4.33 -18.11 41.04
N TYR A 350 3.29 -18.08 40.20
CA TYR A 350 3.25 -17.19 39.05
C TYR A 350 2.40 -15.95 39.35
N SER A 351 2.69 -15.33 40.48
CA SER A 351 1.98 -14.12 40.90
C SER A 351 2.92 -12.97 41.21
N VAL A 352 4.08 -13.24 41.80
CA VAL A 352 5.00 -12.16 42.17
C VAL A 352 5.50 -11.45 40.92
N LEU A 353 5.76 -12.20 39.85
CA LEU A 353 6.17 -11.60 38.59
C LEU A 353 5.00 -11.06 37.78
N TYR A 354 3.82 -11.66 37.91
CA TYR A 354 2.67 -11.20 37.14
C TYR A 354 2.15 -9.86 37.67
N ASN A 355 2.08 -9.71 38.99
CA ASN A 355 1.52 -8.50 39.58
C ASN A 355 2.48 -7.32 39.57
N SER A 356 3.77 -7.55 39.35
CA SER A 356 4.73 -6.46 39.36
C SER A 356 4.46 -5.51 38.21
N ALA A 357 4.57 -4.20 38.48
CA ALA A 357 4.29 -3.17 37.50
C ALA A 357 5.52 -2.76 36.71
N SER A 358 6.68 -3.34 36.99
CA SER A 358 7.90 -2.98 36.29
C SER A 358 8.00 -3.58 34.89
N PHE A 359 7.09 -4.48 34.52
CA PHE A 359 7.15 -5.15 33.23
C PHE A 359 6.39 -4.34 32.21
N SER A 360 7.11 -3.81 31.21
CA SER A 360 6.45 -3.05 30.14
C SER A 360 5.59 -3.96 29.27
N THR A 361 6.07 -5.16 28.99
CA THR A 361 5.37 -6.10 28.13
C THR A 361 5.32 -7.47 28.79
N PHE A 362 4.18 -8.14 28.68
CA PHE A 362 4.02 -9.48 29.22
C PHE A 362 2.99 -10.21 28.36
N LYS A 363 3.46 -10.99 27.40
CA LYS A 363 2.59 -11.69 26.46
C LYS A 363 2.74 -13.19 26.67
N CYS A 364 1.61 -13.88 26.74
CA CYS A 364 1.58 -15.32 26.96
C CYS A 364 0.92 -16.01 25.78
N TYR A 365 1.46 -17.16 25.40
CA TYR A 365 0.98 -17.93 24.26
C TYR A 365 0.50 -19.29 24.73
N GLY A 366 -0.75 -19.64 24.38
CA GLY A 366 -1.30 -20.93 24.70
C GLY A 366 -1.86 -21.07 26.10
N VAL A 367 -1.57 -20.13 27.00
CA VAL A 367 -2.08 -20.16 28.37
C VAL A 367 -2.44 -18.74 28.78
N SER A 368 -3.60 -18.60 29.44
CA SER A 368 -3.90 -17.30 30.02
C SER A 368 -3.14 -17.13 31.33
N PRO A 369 -2.60 -15.92 31.57
CA PRO A 369 -1.56 -15.78 32.62
C PRO A 369 -2.00 -16.19 34.01
N THR A 370 -3.27 -16.02 34.37
CA THR A 370 -3.70 -16.22 35.76
C THR A 370 -4.14 -17.65 36.06
N LYS A 371 -4.07 -18.56 35.10
CA LYS A 371 -4.42 -19.96 35.35
C LYS A 371 -3.24 -20.91 35.36
N LEU A 372 -2.00 -20.41 35.24
CA LEU A 372 -0.86 -21.30 35.22
C LEU A 372 -0.63 -22.00 36.56
N ASN A 373 -1.10 -21.42 37.65
CA ASN A 373 -0.93 -22.03 38.96
C ASN A 373 -1.70 -23.34 39.08
N ASP A 374 -2.79 -23.46 38.33
CA ASP A 374 -3.61 -24.66 38.36
C ASP A 374 -3.10 -25.70 37.38
N LEU A 375 -1.95 -25.42 36.76
CA LEU A 375 -1.35 -26.33 35.80
C LEU A 375 0.04 -26.79 36.23
N CYS A 376 0.32 -28.07 36.04
CA CYS A 376 1.61 -28.65 36.39
C CYS A 376 2.33 -29.20 35.16
N PHE A 377 3.60 -28.85 35.01
CA PHE A 377 4.38 -29.31 33.85
C PHE A 377 5.63 -30.08 34.26
N THR A 378 6.20 -30.81 33.31
CA THR A 378 7.41 -31.59 33.54
C THR A 378 8.61 -30.70 33.80
N ASN A 379 8.83 -29.71 32.93
CA ASN A 379 9.96 -28.81 33.09
C ASN A 379 9.70 -27.54 32.28
N VAL A 380 10.28 -26.44 32.74
CA VAL A 380 10.19 -25.16 32.04
C VAL A 380 11.60 -24.73 31.66
N TYR A 381 11.73 -23.60 30.98
CA TYR A 381 13.02 -23.08 30.57
C TYR A 381 13.06 -21.59 30.80
N ALA A 382 14.27 -21.06 30.98
CA ALA A 382 14.49 -19.63 31.21
C ALA A 382 15.64 -19.17 30.34
N ASP A 383 15.32 -18.76 29.11
CA ASP A 383 16.28 -18.13 28.23
C ASP A 383 16.40 -16.65 28.57
N SER A 384 17.56 -16.07 28.28
CA SER A 384 17.79 -14.68 28.63
C SER A 384 18.84 -14.08 27.70
N PHE A 385 18.67 -12.80 27.38
CA PHE A 385 19.60 -12.05 26.54
C PHE A 385 19.22 -10.57 26.62
N VAL A 386 19.92 -9.73 25.86
CA VAL A 386 19.71 -8.30 25.84
C VAL A 386 19.56 -7.83 24.40
N ILE A 387 18.51 -7.08 24.12
CA ILE A 387 18.23 -6.55 22.79
C ILE A 387 17.70 -5.13 22.91
N ARG A 388 17.40 -4.50 21.77
CA ARG A 388 16.94 -3.13 21.73
C ARG A 388 15.52 -3.02 22.29
N GLY A 389 14.97 -1.80 22.20
CA GLY A 389 13.60 -1.56 22.60
C GLY A 389 12.62 -1.72 21.46
N ASP A 390 12.94 -1.11 20.31
CA ASP A 390 12.13 -1.25 19.11
C ASP A 390 12.34 -2.58 18.41
N GLU A 391 13.34 -3.34 18.81
CA GLU A 391 13.64 -4.66 18.25
C GLU A 391 13.07 -5.79 19.09
N VAL A 392 12.23 -5.47 20.07
CA VAL A 392 11.64 -6.51 20.91
C VAL A 392 10.70 -7.39 20.11
N ARG A 393 9.98 -6.80 19.16
CA ARG A 393 8.87 -7.48 18.52
C ARG A 393 9.28 -8.65 17.63
N GLN A 394 10.56 -8.74 17.24
CA GLN A 394 10.97 -9.93 16.48
C GLN A 394 10.88 -11.21 17.29
N ILE A 395 10.84 -11.12 18.62
CA ILE A 395 10.71 -12.30 19.47
C ILE A 395 9.25 -12.71 19.50
N ALA A 396 8.86 -13.56 18.56
CA ALA A 396 7.47 -13.96 18.40
C ALA A 396 7.43 -15.18 17.47
N PRO A 397 6.35 -15.95 17.50
CA PRO A 397 6.31 -17.19 16.71
C PRO A 397 6.21 -16.95 15.21
N GLY A 398 7.35 -16.71 14.57
CA GLY A 398 7.41 -16.75 13.12
C GLY A 398 7.38 -15.43 12.38
N GLN A 399 8.18 -14.47 12.83
CA GLN A 399 8.43 -13.26 12.06
C GLN A 399 9.75 -13.41 11.32
N THR A 400 10.20 -12.34 10.66
CA THR A 400 11.43 -12.38 9.89
C THR A 400 12.15 -11.05 10.04
N GLY A 401 13.33 -11.08 10.65
CA GLY A 401 14.11 -9.88 10.86
C GLY A 401 15.60 -10.15 10.98
N LYS A 402 16.24 -9.49 11.94
CA LYS A 402 17.65 -9.75 12.24
C LYS A 402 17.83 -10.74 13.37
N ILE A 403 16.81 -10.92 14.22
CA ILE A 403 16.88 -11.86 15.33
C ILE A 403 16.04 -13.10 15.08
N ALA A 404 14.97 -13.01 14.30
CA ALA A 404 14.14 -14.17 14.02
C ALA A 404 14.72 -15.07 12.94
N ASP A 405 15.89 -14.73 12.38
CA ASP A 405 16.47 -15.55 11.32
C ASP A 405 17.92 -15.90 11.62
N TYR A 406 18.66 -15.00 12.26
CA TYR A 406 20.09 -15.18 12.44
C TYR A 406 20.53 -15.33 13.89
N ASN A 407 19.65 -15.08 14.84
CA ASN A 407 19.93 -15.19 16.27
C ASN A 407 18.88 -16.12 16.88
N TYR A 408 18.80 -16.10 18.21
CA TYR A 408 17.80 -16.88 18.93
C TYR A 408 16.42 -16.69 18.31
N LYS A 409 15.85 -17.77 17.79
CA LYS A 409 14.62 -17.73 17.01
C LYS A 409 13.60 -18.69 17.59
N LEU A 410 12.38 -18.20 17.80
CA LEU A 410 11.31 -19.05 18.31
C LEU A 410 10.80 -19.99 17.22
N PRO A 411 10.24 -21.14 17.60
CA PRO A 411 9.62 -22.01 16.60
C PRO A 411 8.18 -21.64 16.33
N ASP A 412 7.52 -22.38 15.45
CA ASP A 412 6.10 -22.22 15.21
C ASP A 412 5.25 -23.04 16.17
N ASP A 413 5.88 -23.86 17.00
CA ASP A 413 5.18 -24.73 17.94
C ASP A 413 4.76 -23.92 19.17
N PHE A 414 4.37 -24.62 20.23
CA PHE A 414 3.95 -23.95 21.46
C PHE A 414 5.11 -23.17 22.08
N THR A 415 4.78 -21.99 22.61
CA THR A 415 5.73 -21.17 23.34
C THR A 415 5.02 -20.68 24.60
N GLY A 416 5.80 -20.36 25.63
CA GLY A 416 5.21 -19.99 26.90
C GLY A 416 4.90 -18.51 27.01
N CYS A 417 5.52 -17.82 27.96
CA CYS A 417 5.27 -16.41 28.19
C CYS A 417 6.55 -15.63 27.99
N VAL A 418 6.52 -14.65 27.09
CA VAL A 418 7.68 -13.82 26.78
C VAL A 418 7.55 -12.51 27.53
N ILE A 419 8.63 -12.08 28.19
CA ILE A 419 8.62 -10.91 29.06
C ILE A 419 9.70 -9.94 28.61
N ALA A 420 9.47 -8.67 28.89
CA ALA A 420 10.45 -7.62 28.59
C ALA A 420 10.15 -6.40 29.44
N TRP A 421 11.17 -5.58 29.64
CA TRP A 421 11.03 -4.34 30.39
C TRP A 421 12.19 -3.41 30.06
N ASN A 422 12.03 -2.13 30.41
CA ASN A 422 13.05 -1.14 30.15
C ASN A 422 14.15 -1.23 31.19
N SER A 423 15.40 -1.18 30.74
CA SER A 423 16.56 -1.37 31.62
C SER A 423 17.65 -0.36 31.29
N ASN A 424 17.26 0.90 31.10
CA ASN A 424 18.23 1.95 30.83
C ASN A 424 18.91 2.48 32.08
N ASN A 425 18.49 2.04 33.27
CA ASN A 425 19.05 2.58 34.50
C ASN A 425 20.52 2.21 34.65
N LEU A 426 20.85 0.92 34.50
CA LEU A 426 22.19 0.41 34.76
C LEU A 426 22.99 0.17 33.49
N ASP A 427 22.53 0.67 32.35
CA ASP A 427 23.26 0.57 31.09
C ASP A 427 23.24 1.96 30.45
N SER A 428 24.32 2.71 30.63
CA SER A 428 24.32 4.15 30.35
C SER A 428 25.76 4.60 30.11
N LYS A 429 25.98 5.92 30.24
CA LYS A 429 27.23 6.67 30.37
C LYS A 429 27.90 6.87 29.02
N VAL A 430 28.95 7.70 29.00
CA VAL A 430 29.49 8.24 27.75
C VAL A 430 30.08 7.13 26.89
N GLY A 431 30.79 6.19 27.51
CA GLY A 431 31.48 5.17 26.74
C GLY A 431 30.57 4.26 25.95
N GLY A 432 29.43 3.88 26.53
CA GLY A 432 28.54 2.95 25.87
C GLY A 432 29.01 1.53 26.06
N ASN A 433 28.07 0.64 26.38
CA ASN A 433 28.42 -0.74 26.71
C ASN A 433 28.76 -1.52 25.46
N TYR A 434 29.98 -1.35 24.94
CA TYR A 434 30.37 -2.03 23.71
C TYR A 434 30.57 -3.52 23.90
N ASN A 435 30.55 -4.02 25.13
CA ASN A 435 30.70 -5.46 25.35
C ASN A 435 29.58 -6.25 24.69
N TYR A 436 28.41 -5.65 24.51
CA TYR A 436 27.31 -6.32 23.84
C TYR A 436 27.65 -6.54 22.36
N LEU A 437 27.15 -7.64 21.80
CA LEU A 437 27.39 -7.96 20.41
C LEU A 437 26.25 -8.81 19.87
N TYR A 438 26.13 -8.83 18.55
CA TYR A 438 25.07 -9.57 17.88
C TYR A 438 25.58 -10.06 16.52
N ARG A 439 24.88 -11.03 15.97
CA ARG A 439 25.26 -11.68 14.72
C ARG A 439 24.57 -11.00 13.56
N LEU A 440 25.33 -10.56 12.56
CA LEU A 440 24.76 -9.81 11.46
C LEU A 440 25.31 -10.21 10.10
N PHE A 441 25.98 -11.36 9.99
CA PHE A 441 26.54 -11.80 8.72
C PHE A 441 26.36 -13.29 8.49
N ARG A 442 25.27 -13.86 8.99
CA ARG A 442 24.99 -15.28 8.81
C ARG A 442 24.71 -15.59 7.35
N LYS A 443 25.08 -16.81 6.94
CA LYS A 443 24.95 -17.23 5.54
C LYS A 443 23.69 -18.05 5.26
N SER A 444 22.93 -18.42 6.28
CA SER A 444 21.76 -19.25 6.04
C SER A 444 20.81 -19.16 7.23
N ASN A 445 19.60 -19.67 7.04
CA ASN A 445 18.60 -19.63 8.10
C ASN A 445 18.99 -20.57 9.23
N LEU A 446 18.29 -20.42 10.36
CA LEU A 446 18.56 -21.21 11.56
C LEU A 446 17.44 -22.21 11.81
N LYS A 447 17.65 -23.01 12.84
CA LYS A 447 16.72 -23.99 13.40
C LYS A 447 16.21 -23.50 14.74
N PRO A 448 14.99 -23.88 15.14
CA PRO A 448 14.48 -23.44 16.44
C PRO A 448 15.44 -23.75 17.58
N PHE A 449 15.79 -22.71 18.33
CA PHE A 449 16.75 -22.79 19.44
C PHE A 449 18.10 -23.32 18.94
N GLU A 450 18.74 -22.54 18.08
CA GLU A 450 20.00 -22.97 17.49
C GLU A 450 21.17 -22.80 18.46
N ARG A 451 21.44 -21.57 18.87
CA ARG A 451 22.56 -21.23 19.75
C ARG A 451 23.89 -21.67 19.11
N ASP A 452 24.21 -20.99 18.02
CA ASP A 452 25.48 -21.20 17.35
C ASP A 452 26.61 -20.52 18.12
N ILE A 453 27.79 -21.14 18.07
CA ILE A 453 28.99 -20.56 18.66
C ILE A 453 30.14 -20.72 17.67
N SER A 454 30.45 -19.65 16.93
CA SER A 454 31.52 -19.67 15.96
C SER A 454 31.88 -18.24 15.61
N THR A 455 33.01 -18.09 14.92
CA THR A 455 33.46 -16.77 14.48
C THR A 455 34.42 -16.97 13.30
N GLU A 456 33.99 -16.55 12.11
CA GLU A 456 34.83 -16.62 10.92
C GLU A 456 34.20 -15.78 9.83
N ILE A 457 35.04 -15.28 8.92
CA ILE A 457 34.60 -14.41 7.84
C ILE A 457 33.88 -15.23 6.77
N TYR A 458 33.10 -14.56 5.93
CA TYR A 458 32.53 -15.16 4.73
C TYR A 458 32.77 -14.22 3.56
N GLN A 459 33.18 -14.78 2.43
CA GLN A 459 33.37 -14.01 1.20
C GLN A 459 33.67 -14.99 0.07
N ALA A 460 33.48 -14.51 -1.16
CA ALA A 460 33.77 -15.31 -2.36
C ALA A 460 35.15 -14.89 -2.87
N GLY A 461 36.18 -15.33 -2.16
CA GLY A 461 37.54 -15.02 -2.54
C GLY A 461 38.47 -16.21 -2.51
N SER A 462 38.00 -17.33 -1.94
CA SER A 462 38.78 -18.56 -1.84
C SER A 462 40.13 -18.31 -1.15
N THR A 463 40.11 -17.48 -0.12
CA THR A 463 41.30 -17.13 0.63
C THR A 463 41.29 -17.84 1.98
N PRO A 464 42.32 -18.64 2.30
CA PRO A 464 42.30 -19.41 3.55
C PRO A 464 42.21 -18.56 4.81
N CYS A 465 43.16 -17.64 4.99
CA CYS A 465 43.25 -16.85 6.21
C CYS A 465 43.47 -15.38 5.87
N ASN A 466 42.66 -14.86 4.94
CA ASN A 466 42.68 -13.46 4.47
C ASN A 466 44.08 -12.82 4.42
N ASN A 472 36.80 -7.50 2.45
CA ASN A 472 37.53 -8.75 2.24
C ASN A 472 37.39 -9.67 3.45
N CYS A 473 37.67 -9.13 4.64
CA CYS A 473 37.70 -9.91 5.87
C CYS A 473 36.81 -9.25 6.94
N TYR A 474 35.59 -8.91 6.56
CA TYR A 474 34.68 -8.28 7.50
C TYR A 474 34.33 -9.24 8.64
N PHE A 475 34.45 -8.75 9.86
CA PHE A 475 34.17 -9.56 11.03
C PHE A 475 32.69 -9.89 11.10
N PRO A 476 32.31 -11.14 11.37
CA PRO A 476 30.90 -11.51 11.41
C PRO A 476 30.15 -11.09 12.65
N LEU A 477 30.70 -10.17 13.46
CA LEU A 477 30.03 -9.67 14.65
C LEU A 477 30.24 -8.18 14.75
N GLN A 478 29.17 -7.44 15.02
CA GLN A 478 29.21 -6.00 15.23
C GLN A 478 28.87 -5.73 16.69
N SER A 479 29.06 -4.50 17.12
CA SER A 479 28.84 -4.11 18.52
C SER A 479 27.65 -3.16 18.60
N TYR A 480 26.76 -3.43 19.55
CA TYR A 480 25.64 -2.52 19.81
C TYR A 480 26.17 -1.20 20.35
N GLY A 481 26.08 -0.16 19.53
CA GLY A 481 26.56 1.15 19.95
C GLY A 481 25.59 1.85 20.88
N PHE A 482 25.51 1.39 22.12
CA PHE A 482 24.56 1.96 23.06
C PHE A 482 25.07 3.28 23.63
N GLN A 483 24.12 4.12 24.04
CA GLN A 483 24.41 5.40 24.68
C GLN A 483 23.09 5.96 25.22
N PRO A 484 23.15 6.85 26.22
CA PRO A 484 21.91 7.42 26.75
C PRO A 484 21.25 8.37 25.78
N THR A 485 20.59 7.82 24.76
CA THR A 485 19.91 8.62 23.75
C THR A 485 18.42 8.28 23.68
N VAL A 488 14.01 6.64 21.06
CA VAL A 488 13.21 5.98 22.10
C VAL A 488 13.16 4.48 21.81
N GLY A 489 13.66 4.10 20.64
CA GLY A 489 13.74 2.71 20.24
C GLY A 489 15.10 2.08 20.37
N TYR A 490 16.06 2.73 21.04
CA TYR A 490 17.42 2.23 21.15
C TYR A 490 17.86 1.96 22.58
N GLN A 491 17.01 2.25 23.57
CA GLN A 491 17.41 2.07 24.95
C GLN A 491 17.56 0.58 25.29
N PRO A 492 18.40 0.25 26.26
CA PRO A 492 18.56 -1.16 26.65
C PRO A 492 17.26 -1.75 27.18
N TYR A 493 17.01 -3.01 26.82
CA TYR A 493 15.90 -3.78 27.32
C TYR A 493 16.41 -5.15 27.76
N ARG A 494 15.69 -5.78 28.67
CA ARG A 494 16.02 -7.12 29.15
C ARG A 494 14.87 -8.05 28.78
N VAL A 495 15.17 -9.13 28.08
CA VAL A 495 14.17 -10.08 27.62
C VAL A 495 14.47 -11.43 28.25
N VAL A 496 13.46 -12.01 28.89
CA VAL A 496 13.56 -13.34 29.48
C VAL A 496 12.35 -14.14 29.03
N VAL A 497 12.60 -15.31 28.43
CA VAL A 497 11.56 -16.11 27.81
C VAL A 497 11.35 -17.37 28.65
N LEU A 498 10.10 -17.62 29.02
CA LEU A 498 9.71 -18.81 29.77
C LEU A 498 9.01 -19.75 28.81
N SER A 499 9.66 -20.87 28.49
CA SER A 499 9.11 -21.84 27.54
C SER A 499 9.03 -23.21 28.20
N PHE A 500 7.88 -23.86 28.08
CA PHE A 500 7.69 -25.19 28.64
C PHE A 500 6.76 -26.04 27.78
N LEU B 320 -54.40 -20.85 5.14
CA LEU B 320 -53.09 -20.93 4.52
C LEU B 320 -52.10 -20.05 5.27
N CYS B 321 -51.21 -20.67 6.03
CA CYS B 321 -50.29 -19.92 6.87
C CYS B 321 -49.28 -19.17 6.01
N PRO B 322 -48.96 -17.92 6.35
CA PRO B 322 -48.05 -17.09 5.55
C PRO B 322 -46.55 -17.26 5.85
N PHE B 323 -45.96 -18.31 5.27
CA PHE B 323 -44.51 -18.46 5.27
C PHE B 323 -43.85 -17.71 4.13
N GLY B 324 -44.63 -17.16 3.20
CA GLY B 324 -44.04 -16.54 2.01
C GLY B 324 -43.15 -15.37 2.35
N GLU B 325 -43.63 -14.45 3.19
CA GLU B 325 -42.81 -13.28 3.52
C GLU B 325 -41.59 -13.68 4.34
N VAL B 326 -41.70 -14.72 5.16
CA VAL B 326 -40.55 -15.19 5.92
C VAL B 326 -39.49 -15.73 4.97
N PHE B 327 -39.90 -16.51 3.97
CA PHE B 327 -38.94 -17.08 3.03
C PHE B 327 -38.62 -16.18 1.85
N ASN B 328 -39.39 -15.10 1.63
CA ASN B 328 -39.17 -14.19 0.52
C ASN B 328 -39.13 -12.75 1.01
N ALA B 329 -38.43 -12.52 2.11
CA ALA B 329 -38.28 -11.18 2.65
C ALA B 329 -37.25 -10.41 1.83
N THR B 330 -36.98 -9.17 2.24
CA THR B 330 -36.04 -8.31 1.53
C THR B 330 -34.72 -8.17 2.28
N ARG B 331 -34.76 -7.70 3.53
CA ARG B 331 -33.55 -7.43 4.32
C ARG B 331 -33.52 -8.39 5.51
N PHE B 332 -32.70 -9.43 5.42
CA PHE B 332 -32.53 -10.34 6.54
C PHE B 332 -31.63 -9.73 7.60
N ALA B 333 -31.90 -10.11 8.86
CA ALA B 333 -31.18 -9.54 9.99
C ALA B 333 -29.76 -10.09 10.06
N SER B 334 -28.90 -9.31 10.72
CA SER B 334 -27.51 -9.73 10.92
C SER B 334 -27.44 -10.87 11.92
N VAL B 335 -26.31 -11.60 11.87
CA VAL B 335 -26.17 -12.80 12.69
C VAL B 335 -26.15 -12.46 14.17
N TYR B 336 -25.51 -11.34 14.53
CA TYR B 336 -25.42 -10.97 15.95
C TYR B 336 -26.77 -10.50 16.50
N ALA B 337 -27.67 -10.06 15.63
CA ALA B 337 -28.98 -9.55 16.04
C ALA B 337 -30.08 -10.19 15.22
N TRP B 338 -30.06 -11.52 15.14
CA TRP B 338 -31.04 -12.25 14.34
C TRP B 338 -32.45 -11.95 14.81
N ASN B 339 -33.36 -11.80 13.84
CA ASN B 339 -34.74 -11.46 14.12
C ASN B 339 -35.57 -12.73 14.29
N ARG B 340 -36.40 -12.75 15.34
CA ARG B 340 -37.27 -13.88 15.64
C ARG B 340 -38.71 -13.48 15.35
N LYS B 341 -39.42 -14.34 14.63
CA LYS B 341 -40.78 -14.07 14.21
C LYS B 341 -41.73 -15.08 14.85
N ARG B 342 -42.95 -14.63 15.14
CA ARG B 342 -43.96 -15.47 15.77
C ARG B 342 -44.99 -15.93 14.75
N ILE B 343 -45.26 -17.23 14.73
CA ILE B 343 -46.20 -17.84 13.81
C ILE B 343 -47.21 -18.65 14.61
N SER B 344 -48.49 -18.44 14.35
CA SER B 344 -49.55 -19.14 15.06
C SER B 344 -50.86 -18.96 14.31
N ASN B 345 -51.93 -19.55 14.85
CA ASN B 345 -53.30 -19.45 14.35
C ASN B 345 -53.38 -19.53 12.82
N CYS B 346 -52.65 -20.50 12.26
CA CYS B 346 -52.59 -20.66 10.82
C CYS B 346 -52.34 -22.13 10.50
N VAL B 347 -52.68 -22.50 9.26
CA VAL B 347 -52.44 -23.85 8.75
C VAL B 347 -51.40 -23.76 7.65
N ALA B 348 -50.30 -24.50 7.83
CA ALA B 348 -49.18 -24.46 6.89
C ALA B 348 -49.01 -25.82 6.24
N ASP B 349 -48.48 -25.81 5.01
CA ASP B 349 -48.23 -27.02 4.25
C ASP B 349 -46.73 -27.21 4.09
N TYR B 350 -46.22 -28.36 4.54
CA TYR B 350 -44.81 -28.68 4.45
C TYR B 350 -44.46 -29.51 3.23
N SER B 351 -45.45 -29.87 2.40
CA SER B 351 -45.16 -30.62 1.18
C SER B 351 -44.33 -29.79 0.22
N VAL B 352 -44.68 -28.51 0.06
CA VAL B 352 -43.99 -27.67 -0.91
C VAL B 352 -42.55 -27.39 -0.47
N LEU B 353 -42.33 -27.20 0.83
CA LEU B 353 -40.99 -26.84 1.30
C LEU B 353 -40.00 -27.96 1.04
N TYR B 354 -40.38 -29.20 1.33
CA TYR B 354 -39.50 -30.32 1.04
C TYR B 354 -39.46 -30.64 -0.44
N ASN B 355 -40.58 -30.42 -1.14
CA ASN B 355 -40.63 -30.60 -2.59
C ASN B 355 -39.89 -29.51 -3.34
N SER B 356 -39.50 -28.43 -2.65
CA SER B 356 -38.81 -27.32 -3.29
C SER B 356 -37.32 -27.65 -3.43
N ALA B 357 -36.84 -27.69 -4.67
CA ALA B 357 -35.44 -27.93 -4.94
C ALA B 357 -34.62 -26.64 -5.01
N SER B 358 -35.28 -25.48 -4.93
CA SER B 358 -34.56 -24.21 -4.96
C SER B 358 -33.74 -23.98 -3.70
N PHE B 359 -34.03 -24.70 -2.63
CA PHE B 359 -33.30 -24.57 -1.38
C PHE B 359 -32.16 -25.59 -1.35
N SER B 360 -30.93 -25.10 -1.15
CA SER B 360 -29.76 -25.94 -1.28
C SER B 360 -29.74 -27.03 -0.21
N THR B 361 -30.03 -26.68 1.04
CA THR B 361 -29.91 -27.62 2.14
C THR B 361 -31.20 -27.64 2.95
N PHE B 362 -31.71 -28.85 3.17
CA PHE B 362 -32.88 -29.06 4.04
C PHE B 362 -32.69 -30.42 4.70
N LYS B 363 -32.09 -30.39 5.89
CA LYS B 363 -31.89 -31.61 6.68
C LYS B 363 -32.15 -31.29 8.13
N CYS B 364 -32.95 -32.13 8.80
CA CYS B 364 -33.32 -31.87 10.17
C CYS B 364 -33.81 -33.16 10.82
N TYR B 365 -33.91 -33.11 12.15
CA TYR B 365 -34.28 -34.26 12.95
C TYR B 365 -35.13 -33.83 14.12
N GLY B 366 -35.44 -34.81 14.98
CA GLY B 366 -36.41 -34.62 16.05
C GLY B 366 -37.76 -35.08 15.60
N VAL B 367 -38.11 -34.73 14.36
CA VAL B 367 -39.30 -35.21 13.65
C VAL B 367 -38.90 -35.38 12.19
N SER B 368 -39.31 -36.48 11.59
CA SER B 368 -38.95 -36.72 10.19
C SER B 368 -39.76 -35.80 9.28
N PRO B 369 -39.15 -35.27 8.22
CA PRO B 369 -39.88 -34.31 7.36
C PRO B 369 -41.13 -34.88 6.73
N THR B 370 -41.12 -36.16 6.34
CA THR B 370 -42.27 -36.74 5.68
C THR B 370 -43.49 -36.81 6.59
N LYS B 371 -43.30 -36.86 7.90
CA LYS B 371 -44.40 -36.97 8.85
C LYS B 371 -44.90 -35.61 9.34
N LEU B 372 -44.41 -34.51 8.77
CA LEU B 372 -44.80 -33.18 9.23
C LEU B 372 -46.21 -32.79 8.79
N ASN B 373 -46.86 -33.56 7.94
CA ASN B 373 -48.18 -33.22 7.43
C ASN B 373 -49.30 -33.64 8.37
N ASP B 374 -48.98 -34.19 9.55
CA ASP B 374 -50.00 -34.71 10.44
C ASP B 374 -49.75 -34.29 11.89
N LEU B 375 -49.26 -33.07 12.11
CA LEU B 375 -48.91 -32.58 13.43
C LEU B 375 -49.64 -31.27 13.72
N CYS B 376 -49.88 -31.03 15.00
CA CYS B 376 -50.60 -29.84 15.46
C CYS B 376 -49.91 -29.23 16.68
N PHE B 377 -48.59 -29.01 16.57
CA PHE B 377 -47.83 -28.52 17.71
C PHE B 377 -48.23 -27.10 18.07
N THR B 378 -47.93 -26.72 19.32
CA THR B 378 -48.43 -25.48 19.88
C THR B 378 -47.90 -24.25 19.14
N ASN B 379 -46.58 -24.03 19.19
CA ASN B 379 -45.99 -22.78 18.75
C ASN B 379 -44.92 -23.03 17.69
N VAL B 380 -44.77 -22.06 16.79
CA VAL B 380 -43.80 -22.12 15.71
C VAL B 380 -42.95 -20.86 15.76
N TYR B 381 -41.63 -21.03 15.76
CA TYR B 381 -40.69 -19.93 15.78
C TYR B 381 -39.96 -19.86 14.44
N ALA B 382 -39.86 -18.66 13.88
CA ALA B 382 -39.20 -18.43 12.60
C ALA B 382 -38.00 -17.52 12.84
N ASP B 383 -36.82 -18.11 12.93
CA ASP B 383 -35.57 -17.39 13.12
C ASP B 383 -34.80 -17.37 11.81
N SER B 384 -34.40 -16.18 11.36
CA SER B 384 -33.69 -16.03 10.12
C SER B 384 -32.54 -15.04 10.29
N PHE B 385 -31.41 -15.37 9.69
CA PHE B 385 -30.23 -14.51 9.73
C PHE B 385 -29.32 -14.91 8.56
N VAL B 386 -28.17 -14.26 8.45
CA VAL B 386 -27.26 -14.44 7.33
C VAL B 386 -25.91 -14.91 7.85
N ILE B 387 -25.41 -16.01 7.28
CA ILE B 387 -24.11 -16.56 7.62
C ILE B 387 -23.36 -16.84 6.31
N ARG B 388 -22.04 -16.82 6.38
CA ARG B 388 -21.22 -17.16 5.23
C ARG B 388 -21.43 -18.62 4.85
N GLY B 389 -21.13 -18.95 3.59
CA GLY B 389 -21.33 -20.30 3.12
C GLY B 389 -20.55 -21.34 3.90
N ASP B 390 -19.48 -20.91 4.57
CA ASP B 390 -18.75 -21.78 5.48
C ASP B 390 -19.39 -21.75 6.86
N GLU B 391 -19.10 -22.80 7.64
CA GLU B 391 -19.59 -22.95 9.01
C GLU B 391 -21.11 -23.04 9.07
N VAL B 392 -21.77 -23.36 7.96
CA VAL B 392 -23.21 -23.55 7.97
C VAL B 392 -23.60 -24.73 8.85
N ARG B 393 -22.82 -25.81 8.78
CA ARG B 393 -23.10 -26.98 9.61
C ARG B 393 -22.94 -26.68 11.09
N GLN B 394 -22.26 -25.59 11.44
CA GLN B 394 -22.11 -25.23 12.85
C GLN B 394 -23.42 -24.82 13.49
N ILE B 395 -24.44 -24.45 12.70
CA ILE B 395 -25.74 -24.08 13.24
C ILE B 395 -26.40 -25.22 13.99
N ALA B 396 -26.12 -26.47 13.63
CA ALA B 396 -26.72 -27.60 14.31
C ALA B 396 -26.28 -27.63 15.77
N PRO B 397 -27.17 -28.06 16.67
CA PRO B 397 -26.81 -28.08 18.10
C PRO B 397 -25.77 -29.15 18.41
N GLY B 398 -25.12 -28.98 19.55
CA GLY B 398 -24.08 -29.91 19.97
C GLY B 398 -22.79 -29.75 19.18
N GLN B 399 -22.67 -28.67 18.41
CA GLN B 399 -21.49 -28.42 17.61
C GLN B 399 -20.52 -27.54 18.42
N THR B 400 -19.41 -27.17 17.79
CA THR B 400 -18.45 -26.26 18.41
C THR B 400 -17.73 -25.51 17.30
N GLY B 401 -17.69 -24.19 17.41
CA GLY B 401 -17.06 -23.40 16.37
C GLY B 401 -17.05 -21.93 16.72
N LYS B 402 -16.52 -21.14 15.79
CA LYS B 402 -16.38 -19.70 16.00
C LYS B 402 -17.74 -19.03 16.14
N ILE B 403 -18.71 -19.38 15.30
CA ILE B 403 -20.00 -18.70 15.30
C ILE B 403 -21.00 -19.46 16.16
N ALA B 404 -20.89 -20.79 16.17
CA ALA B 404 -21.89 -21.61 16.86
C ALA B 404 -21.85 -21.38 18.37
N ASP B 405 -20.66 -21.41 18.95
CA ASP B 405 -20.49 -21.29 20.39
C ASP B 405 -20.55 -19.85 20.85
N TYR B 406 -20.66 -18.89 19.92
CA TYR B 406 -20.49 -17.48 20.27
C TYR B 406 -21.66 -16.57 19.92
N ASN B 407 -22.36 -16.78 18.81
CA ASN B 407 -23.45 -15.89 18.42
C ASN B 407 -24.79 -16.56 18.20
N TYR B 408 -24.84 -17.88 17.98
CA TYR B 408 -26.14 -18.56 17.86
C TYR B 408 -25.91 -20.03 18.25
N LYS B 409 -26.35 -20.38 19.45
CA LYS B 409 -26.16 -21.72 19.98
C LYS B 409 -27.51 -22.40 20.12
N LEU B 410 -27.58 -23.67 19.68
CA LEU B 410 -28.84 -24.37 19.86
C LEU B 410 -28.73 -25.43 20.95
N PRO B 411 -29.77 -25.62 21.74
CA PRO B 411 -29.70 -26.61 22.83
C PRO B 411 -29.70 -28.03 22.30
N ASP B 412 -29.18 -28.94 23.13
CA ASP B 412 -29.18 -30.35 22.76
C ASP B 412 -30.59 -30.94 22.80
N ASP B 413 -31.49 -30.34 23.56
CA ASP B 413 -32.89 -30.74 23.58
C ASP B 413 -33.70 -30.06 22.48
N PHE B 414 -33.03 -29.57 21.43
CA PHE B 414 -33.70 -28.87 20.36
C PHE B 414 -34.61 -29.79 19.55
N THR B 415 -35.74 -29.25 19.12
CA THR B 415 -36.59 -29.87 18.12
C THR B 415 -36.97 -28.81 17.09
N GLY B 416 -36.90 -29.17 15.81
CA GLY B 416 -37.16 -28.25 14.74
C GLY B 416 -36.26 -28.55 13.56
N CYS B 417 -36.25 -27.65 12.59
CA CYS B 417 -35.51 -27.87 11.35
C CYS B 417 -34.69 -26.65 10.98
N VAL B 418 -33.63 -26.88 10.19
CA VAL B 418 -32.73 -25.86 9.70
C VAL B 418 -32.76 -25.87 8.18
N ILE B 419 -32.92 -24.69 7.59
CA ILE B 419 -33.04 -24.52 6.14
C ILE B 419 -32.07 -23.45 5.69
N ALA B 420 -31.30 -23.73 4.63
CA ALA B 420 -30.35 -22.78 4.09
C ALA B 420 -30.41 -22.80 2.57
N TRP B 421 -30.31 -21.62 1.96
CA TRP B 421 -30.31 -21.52 0.51
C TRP B 421 -29.35 -20.40 0.09
N ASN B 422 -28.80 -20.55 -1.12
CA ASN B 422 -27.87 -19.56 -1.66
C ASN B 422 -28.63 -18.36 -2.19
N SER B 423 -28.10 -17.17 -1.89
CA SER B 423 -28.71 -15.92 -2.32
C SER B 423 -27.65 -14.94 -2.82
N ASN B 424 -26.62 -15.47 -3.48
CA ASN B 424 -25.51 -14.65 -3.96
C ASN B 424 -25.86 -13.85 -5.21
N ASN B 425 -27.14 -13.84 -5.61
CA ASN B 425 -27.54 -13.13 -6.82
C ASN B 425 -27.84 -11.66 -6.58
N LEU B 426 -27.96 -11.22 -5.32
CA LEU B 426 -28.32 -9.84 -5.04
C LEU B 426 -27.52 -9.26 -3.88
N ASP B 427 -26.37 -9.85 -3.57
CA ASP B 427 -25.51 -9.38 -2.49
C ASP B 427 -24.11 -9.01 -2.94
N SER B 428 -23.58 -9.72 -3.93
CA SER B 428 -22.18 -9.56 -4.32
C SER B 428 -22.03 -9.04 -5.74
N LYS B 429 -20.80 -9.09 -6.26
CA LYS B 429 -20.48 -8.60 -7.61
C LYS B 429 -20.66 -7.09 -7.71
N VAL B 430 -20.41 -6.39 -6.61
CA VAL B 430 -20.45 -4.94 -6.57
C VAL B 430 -19.23 -4.44 -5.83
N GLY B 431 -19.12 -3.12 -5.65
CA GLY B 431 -18.01 -2.56 -4.91
C GLY B 431 -18.12 -2.79 -3.42
N GLY B 432 -18.05 -4.05 -3.01
CA GLY B 432 -18.18 -4.41 -1.61
C GLY B 432 -19.63 -4.57 -1.19
N ASN B 433 -19.81 -5.23 -0.05
CA ASN B 433 -21.16 -5.47 0.46
C ASN B 433 -21.37 -4.69 1.76
N TYR B 434 -20.55 -4.99 2.76
CA TYR B 434 -20.50 -4.25 4.02
C TYR B 434 -21.91 -3.99 4.56
N ASN B 435 -22.59 -5.08 4.89
CA ASN B 435 -23.94 -5.01 5.43
C ASN B 435 -24.17 -5.85 6.67
N TYR B 436 -23.43 -6.95 6.85
CA TYR B 436 -23.78 -8.00 7.82
C TYR B 436 -22.59 -8.22 8.73
N LEU B 437 -22.64 -7.62 9.92
CA LEU B 437 -21.49 -7.60 10.82
C LEU B 437 -21.51 -8.84 11.71
N TYR B 438 -20.45 -9.00 12.51
CA TYR B 438 -20.31 -10.12 13.44
C TYR B 438 -19.18 -9.79 14.39
N ARG B 439 -19.14 -10.49 15.52
CA ARG B 439 -18.04 -10.36 16.46
C ARG B 439 -17.13 -11.59 16.38
N LEU B 440 -15.86 -11.39 16.75
CA LEU B 440 -14.84 -12.42 16.59
C LEU B 440 -14.72 -13.29 17.83
N PHE B 441 -13.64 -14.08 17.86
CA PHE B 441 -13.35 -15.02 18.93
C PHE B 441 -12.95 -14.26 20.19
N ARG B 442 -13.93 -13.95 21.03
CA ARG B 442 -13.74 -13.12 22.22
C ARG B 442 -14.81 -13.44 23.26
N LYS B 443 -14.96 -12.56 24.24
CA LYS B 443 -16.06 -12.65 25.22
C LYS B 443 -15.86 -13.91 26.07
N SER B 444 -16.96 -14.47 26.60
CA SER B 444 -16.92 -15.63 27.47
C SER B 444 -18.00 -16.65 27.12
N ASN B 445 -18.08 -17.05 25.86
CA ASN B 445 -18.94 -18.07 25.27
C ASN B 445 -20.42 -17.74 25.39
N LEU B 446 -21.27 -18.61 24.86
CA LEU B 446 -22.69 -18.34 24.75
C LEU B 446 -23.50 -19.47 25.38
N LYS B 447 -24.78 -19.15 25.64
CA LYS B 447 -25.79 -20.09 26.11
C LYS B 447 -26.87 -20.19 25.02
N PRO B 448 -27.63 -21.28 24.93
CA PRO B 448 -28.63 -21.38 23.85
C PRO B 448 -29.70 -20.32 24.03
N PHE B 449 -29.97 -19.59 22.95
CA PHE B 449 -31.02 -18.56 22.91
C PHE B 449 -30.79 -17.46 23.95
N GLU B 450 -29.75 -16.65 23.74
CA GLU B 450 -29.67 -15.44 24.54
C GLU B 450 -30.07 -14.19 23.76
N ARG B 451 -29.45 -13.96 22.60
CA ARG B 451 -29.62 -12.73 21.83
C ARG B 451 -29.18 -11.52 22.67
N ASP B 452 -27.88 -11.47 22.94
CA ASP B 452 -27.27 -10.42 23.74
C ASP B 452 -26.43 -9.52 22.84
N ILE B 453 -26.65 -8.21 22.96
CA ILE B 453 -25.89 -7.19 22.23
C ILE B 453 -25.40 -6.18 23.26
N SER B 454 -24.09 -6.23 23.55
CA SER B 454 -23.47 -5.35 24.55
C SER B 454 -22.15 -4.82 23.98
N THR B 455 -22.20 -4.32 22.75
CA THR B 455 -20.98 -3.91 22.03
C THR B 455 -20.14 -2.97 22.88
N GLU B 456 -18.92 -3.42 23.20
CA GLU B 456 -18.04 -2.67 24.08
C GLU B 456 -16.61 -3.12 23.82
N ILE B 457 -15.66 -2.31 24.26
CA ILE B 457 -14.23 -2.56 24.06
C ILE B 457 -13.66 -3.19 25.31
N TYR B 458 -13.05 -4.36 25.17
CA TYR B 458 -12.44 -5.07 26.30
C TYR B 458 -11.37 -6.02 25.81
N GLN B 459 -10.34 -6.20 26.64
CA GLN B 459 -9.25 -7.12 26.36
C GLN B 459 -8.42 -7.31 27.63
N ALA B 460 -7.84 -8.50 27.76
CA ALA B 460 -6.96 -8.78 28.89
C ALA B 460 -5.65 -8.00 28.76
N GLY B 461 -5.03 -7.72 29.90
CA GLY B 461 -3.77 -7.02 29.91
C GLY B 461 -3.75 -5.78 30.78
N SER B 462 -4.70 -5.66 31.70
CA SER B 462 -4.80 -4.53 32.62
C SER B 462 -4.90 -3.21 31.85
N THR B 463 -6.00 -3.08 31.12
CA THR B 463 -6.22 -2.01 30.16
C THR B 463 -7.34 -1.08 30.61
N PRO B 464 -7.29 0.19 30.22
CA PRO B 464 -8.46 1.06 30.38
C PRO B 464 -9.39 0.97 29.17
N CYS B 465 -10.45 1.75 29.17
CA CYS B 465 -11.41 1.78 28.07
C CYS B 465 -11.45 3.20 27.51
N ASN B 466 -10.67 3.43 26.47
CA ASN B 466 -10.62 4.76 25.85
C ASN B 466 -10.89 4.74 24.36
N GLY B 467 -10.41 3.72 23.65
CA GLY B 467 -10.61 3.65 22.22
C GLY B 467 -10.20 2.32 21.64
N VAL B 468 -9.69 2.32 20.41
CA VAL B 468 -9.27 1.07 19.78
C VAL B 468 -7.95 0.59 20.35
N GLU B 469 -6.90 1.33 20.02
CA GLU B 469 -5.53 1.09 20.48
C GLU B 469 -5.12 -0.37 20.37
N GLY B 470 -4.77 -0.81 19.19
CA GLY B 470 -4.48 -2.22 18.98
C GLY B 470 -3.40 -2.84 19.86
N PHE B 471 -2.29 -2.15 20.09
CA PHE B 471 -1.21 -2.66 20.94
C PHE B 471 -1.79 -2.90 22.28
N ASN B 472 -3.01 -2.45 22.46
CA ASN B 472 -3.68 -2.75 23.73
C ASN B 472 -5.11 -3.35 23.68
N CYS B 473 -6.03 -2.75 22.91
CA CYS B 473 -7.40 -3.26 22.90
C CYS B 473 -7.84 -3.46 21.47
N TYR B 474 -9.02 -4.07 21.31
CA TYR B 474 -9.64 -4.28 20.01
C TYR B 474 -11.11 -3.88 20.06
N PHE B 475 -11.66 -3.61 18.88
CA PHE B 475 -13.09 -3.41 18.69
C PHE B 475 -13.71 -4.73 18.27
N PRO B 476 -14.63 -5.31 19.06
CA PRO B 476 -14.98 -6.73 18.86
C PRO B 476 -15.52 -7.09 17.48
N LEU B 477 -16.36 -6.25 16.90
CA LEU B 477 -17.09 -6.62 15.69
C LEU B 477 -16.38 -6.13 14.42
N GLN B 478 -16.45 -6.95 13.37
CA GLN B 478 -15.98 -6.57 12.06
C GLN B 478 -16.98 -7.06 11.02
N SER B 479 -16.59 -6.96 9.75
CA SER B 479 -17.51 -7.21 8.64
C SER B 479 -17.18 -8.50 7.90
N TYR B 480 -18.18 -9.02 7.21
CA TYR B 480 -18.00 -10.08 6.23
C TYR B 480 -17.50 -9.48 4.92
N GLY B 481 -16.89 -10.34 4.09
CA GLY B 481 -16.56 -9.95 2.74
C GLY B 481 -16.97 -11.00 1.72
N PHE B 482 -17.91 -10.64 0.84
CA PHE B 482 -18.31 -11.51 -0.25
C PHE B 482 -18.05 -10.89 -1.62
N GLN B 483 -17.22 -9.85 -1.70
CA GLN B 483 -16.93 -9.22 -2.99
C GLN B 483 -16.34 -10.18 -4.02
N PRO B 484 -15.41 -11.08 -3.69
CA PRO B 484 -14.89 -11.99 -4.73
C PRO B 484 -15.98 -12.97 -5.16
N THR B 485 -15.98 -13.29 -6.45
CA THR B 485 -16.89 -14.30 -6.97
C THR B 485 -16.44 -15.68 -6.53
N ASN B 486 -15.20 -15.76 -6.02
CA ASN B 486 -14.62 -17.01 -5.59
C ASN B 486 -15.19 -17.44 -4.24
N GLY B 487 -15.04 -18.73 -3.93
CA GLY B 487 -15.44 -19.24 -2.65
C GLY B 487 -16.76 -19.99 -2.66
N VAL B 488 -16.69 -21.33 -2.66
CA VAL B 488 -17.90 -22.13 -2.51
C VAL B 488 -18.50 -21.90 -1.13
N GLY B 489 -17.66 -21.91 -0.10
CA GLY B 489 -18.09 -21.59 1.25
C GLY B 489 -18.01 -20.13 1.63
N TYR B 490 -17.71 -19.26 0.67
CA TYR B 490 -17.65 -17.82 0.92
C TYR B 490 -18.81 -17.06 0.31
N GLN B 491 -19.72 -17.73 -0.38
CA GLN B 491 -20.85 -17.05 -0.98
C GLN B 491 -21.85 -16.64 0.09
N PRO B 492 -22.56 -15.52 -0.08
CA PRO B 492 -23.45 -15.04 0.99
C PRO B 492 -24.72 -15.86 1.12
N TYR B 493 -24.63 -16.99 1.82
CA TYR B 493 -25.79 -17.85 2.03
C TYR B 493 -26.72 -17.25 3.07
N ARG B 494 -27.99 -17.68 3.01
CA ARG B 494 -29.01 -17.27 3.97
C ARG B 494 -29.64 -18.52 4.58
N VAL B 495 -29.95 -18.44 5.87
CA VAL B 495 -30.37 -19.60 6.65
C VAL B 495 -31.54 -19.22 7.55
N VAL B 496 -32.45 -20.17 7.74
CA VAL B 496 -33.54 -20.03 8.71
C VAL B 496 -33.59 -21.31 9.54
N VAL B 497 -34.12 -21.19 10.75
CA VAL B 497 -34.22 -22.32 11.68
C VAL B 497 -35.61 -22.28 12.30
N LEU B 498 -36.50 -23.16 11.85
CA LEU B 498 -37.83 -23.27 12.42
C LEU B 498 -37.79 -24.19 13.63
N SER B 499 -38.37 -23.72 14.74
CA SER B 499 -38.44 -24.49 15.97
C SER B 499 -39.89 -24.80 16.30
N PHE B 500 -40.15 -26.05 16.68
CA PHE B 500 -41.50 -26.49 16.97
C PHE B 500 -41.76 -26.48 18.48
N ASP C 1 -3.05 -14.44 -2.95
CA ASP C 1 -3.00 -12.98 -2.97
C ASP C 1 -4.18 -12.39 -2.22
N ILE C 2 -4.00 -11.17 -1.71
CA ILE C 2 -5.05 -10.40 -1.08
C ILE C 2 -5.08 -9.02 -1.72
N VAL C 3 -6.28 -8.53 -2.03
CA VAL C 3 -6.47 -7.32 -2.83
C VAL C 3 -6.95 -6.19 -1.93
N MET C 4 -6.36 -5.02 -2.10
CA MET C 4 -6.75 -3.83 -1.37
C MET C 4 -7.82 -3.05 -2.13
N THR C 5 -8.70 -2.40 -1.37
CA THR C 5 -9.71 -1.53 -1.96
C THR C 5 -9.77 -0.22 -1.18
N GLN C 6 -10.07 0.85 -1.88
CA GLN C 6 -10.18 2.18 -1.29
C GLN C 6 -11.52 2.80 -1.67
N SER C 7 -11.88 3.86 -0.95
CA SER C 7 -13.13 4.56 -1.22
C SER C 7 -13.02 6.00 -0.75
N PRO C 8 -13.22 6.97 -1.64
CA PRO C 8 -13.52 6.83 -3.06
C PRO C 8 -12.26 6.72 -3.90
N LEU C 9 -12.35 6.97 -5.20
CA LEU C 9 -11.18 7.05 -6.06
C LEU C 9 -10.73 8.48 -6.32
N SER C 10 -11.66 9.44 -6.27
CA SER C 10 -11.33 10.85 -6.39
C SER C 10 -12.05 11.61 -5.28
N LEU C 11 -11.39 12.65 -4.76
CA LEU C 11 -11.95 13.39 -3.64
C LEU C 11 -11.58 14.87 -3.72
N PRO C 12 -12.54 15.76 -4.00
CA PRO C 12 -12.25 17.20 -3.95
C PRO C 12 -12.48 17.76 -2.56
N VAL C 13 -11.48 18.46 -2.00
CA VAL C 13 -11.57 18.98 -0.65
C VAL C 13 -11.08 20.43 -0.64
N THR C 14 -11.89 21.31 -0.04
CA THR C 14 -11.54 22.72 0.17
C THR C 14 -10.53 22.83 1.32
N PRO C 15 -9.53 23.70 1.21
CA PRO C 15 -8.59 23.87 2.33
C PRO C 15 -9.30 24.31 3.60
N GLY C 16 -8.85 23.75 4.72
CA GLY C 16 -9.37 24.14 6.02
C GLY C 16 -10.09 23.02 6.77
N GLU C 17 -10.91 22.23 6.03
CA GLU C 17 -11.71 21.23 6.74
C GLU C 17 -11.07 19.85 6.66
N PRO C 18 -11.29 19.00 7.65
CA PRO C 18 -10.70 17.67 7.62
C PRO C 18 -11.29 16.79 6.53
N ALA C 19 -10.49 15.83 6.07
CA ALA C 19 -10.89 14.86 5.06
C ALA C 19 -10.60 13.45 5.60
N SER C 20 -10.94 12.44 4.81
CA SER C 20 -10.72 11.06 5.21
C SER C 20 -10.66 10.17 3.99
N ILE C 21 -9.78 9.18 4.03
CA ILE C 21 -9.64 8.16 3.00
C ILE C 21 -9.64 6.80 3.68
N SER C 22 -10.40 5.85 3.12
CA SER C 22 -10.57 4.53 3.70
C SER C 22 -9.92 3.49 2.81
N CYS C 23 -9.25 2.52 3.42
CA CYS C 23 -8.63 1.39 2.72
C CYS C 23 -9.06 0.12 3.43
N ARG C 24 -9.87 -0.69 2.76
CA ARG C 24 -10.40 -1.93 3.32
C ARG C 24 -9.63 -3.12 2.77
N SER C 25 -9.34 -4.09 3.63
CA SER C 25 -8.58 -5.27 3.26
C SER C 25 -9.52 -6.43 2.94
N SER C 26 -8.93 -7.50 2.40
CA SER C 26 -9.66 -8.71 2.08
C SER C 26 -9.42 -9.85 3.05
N GLN C 27 -8.35 -9.78 3.85
CA GLN C 27 -8.05 -10.78 4.85
C GLN C 27 -7.68 -10.08 6.15
N SER C 28 -7.86 -10.77 7.27
CA SER C 28 -7.52 -10.20 8.56
C SER C 28 -6.03 -9.88 8.61
N LEU C 29 -5.70 -8.67 9.06
CA LEU C 29 -4.33 -8.21 9.16
C LEU C 29 -3.97 -8.04 10.63
N LEU C 30 -3.53 -9.14 11.25
CA LEU C 30 -3.12 -9.13 12.65
C LEU C 30 -2.21 -10.33 12.87
N GLN C 31 -0.93 -10.10 13.01
CA GLN C 31 0.05 -11.18 13.13
C GLN C 31 -0.06 -11.78 14.53
N ASN C 32 0.89 -12.68 14.87
CA ASN C 32 0.90 -13.29 16.18
C ASN C 32 1.14 -12.29 17.30
N ASN C 33 1.65 -11.10 16.96
CA ASN C 33 1.79 -10.03 17.93
C ASN C 33 0.48 -9.26 18.07
N GLY C 34 0.49 -8.24 18.91
CA GLY C 34 -0.64 -7.34 18.98
C GLY C 34 -0.65 -6.27 17.91
N TYR C 35 0.34 -6.28 17.02
CA TYR C 35 0.48 -5.28 15.99
C TYR C 35 -0.28 -5.66 14.73
N ASN C 36 -0.72 -4.63 14.00
CA ASN C 36 -1.31 -4.79 12.68
C ASN C 36 -0.52 -3.94 11.69
N TYR C 37 -0.05 -4.56 10.61
CA TYR C 37 0.91 -3.93 9.73
C TYR C 37 0.20 -3.27 8.56
N LEU C 38 0.54 -2.02 8.29
CA LEU C 38 -0.08 -1.23 7.24
C LEU C 38 0.84 -0.07 6.91
N ALA C 39 0.62 0.54 5.75
CA ALA C 39 1.40 1.68 5.32
C ALA C 39 0.53 2.63 4.52
N TRP C 40 0.99 3.87 4.39
CA TRP C 40 0.28 4.90 3.64
C TRP C 40 1.30 5.80 2.97
N TYR C 41 1.40 5.72 1.65
CA TYR C 41 2.37 6.48 0.90
C TYR C 41 1.70 7.66 0.19
N LEU C 42 2.54 8.61 -0.22
CA LEU C 42 2.07 9.86 -0.82
C LEU C 42 2.99 10.20 -1.98
N GLN C 43 2.45 10.19 -3.19
CA GLN C 43 3.23 10.46 -4.40
C GLN C 43 2.78 11.79 -4.98
N LYS C 44 3.60 12.81 -4.80
CA LYS C 44 3.37 14.09 -5.46
C LYS C 44 3.66 13.97 -6.95
N PRO C 45 3.07 14.82 -7.77
CA PRO C 45 3.32 14.75 -9.22
C PRO C 45 4.78 15.05 -9.54
N GLY C 46 5.40 14.16 -10.32
CA GLY C 46 6.78 14.36 -10.73
C GLY C 46 7.82 13.93 -9.73
N GLN C 47 7.44 13.26 -8.64
CA GLN C 47 8.41 12.86 -7.63
C GLN C 47 8.33 11.37 -7.34
N SER C 48 9.02 10.93 -6.29
CA SER C 48 9.06 9.55 -5.85
C SER C 48 8.23 9.37 -4.58
N PRO C 49 7.71 8.17 -4.35
CA PRO C 49 6.87 7.94 -3.16
C PRO C 49 7.62 8.17 -1.87
N GLN C 50 6.88 8.59 -0.85
CA GLN C 50 7.41 8.82 0.49
C GLN C 50 6.56 8.05 1.50
N LEU C 51 7.13 7.86 2.69
CA LEU C 51 6.45 7.16 3.78
C LEU C 51 5.80 8.16 4.71
N LEU C 52 4.56 7.88 5.11
CA LEU C 52 3.85 8.71 6.07
C LEU C 52 3.50 7.95 7.35
N ILE C 53 2.87 6.79 7.23
CA ILE C 53 2.46 6.01 8.39
C ILE C 53 2.91 4.56 8.19
N TYR C 54 3.46 3.96 9.23
CA TYR C 54 3.72 2.53 9.26
C TYR C 54 3.25 1.99 10.61
N LEU C 55 2.85 0.73 10.62
CA LEU C 55 2.14 0.09 11.73
C LEU C 55 0.79 0.72 12.00
N SER C 56 0.32 1.61 11.13
CA SER C 56 -0.99 2.23 11.14
C SER C 56 -1.21 3.18 12.31
N SER C 57 -0.25 3.31 13.22
CA SER C 57 -0.43 4.21 14.35
C SER C 57 0.82 5.01 14.73
N THR C 58 1.95 4.78 14.08
CA THR C 58 3.19 5.48 14.40
C THR C 58 3.64 6.27 13.18
N ARG C 59 3.91 7.56 13.38
CA ARG C 59 4.30 8.43 12.29
C ARG C 59 5.77 8.15 11.92
N ALA C 60 6.24 8.77 10.85
CA ALA C 60 7.63 8.69 10.44
C ALA C 60 8.35 9.98 10.78
N SER C 61 9.68 9.94 10.69
CA SER C 61 10.50 11.08 11.08
C SER C 61 10.33 12.23 10.09
N GLY C 62 10.07 13.42 10.62
CA GLY C 62 9.95 14.62 9.82
C GLY C 62 8.57 14.89 9.28
N VAL C 63 7.64 13.93 9.38
CA VAL C 63 6.29 14.12 8.86
C VAL C 63 5.52 15.07 9.78
N PRO C 64 4.82 16.06 9.25
CA PRO C 64 3.99 16.91 10.11
C PRO C 64 2.92 16.10 10.83
N ASP C 65 2.64 16.47 12.07
CA ASP C 65 1.69 15.73 12.90
C ASP C 65 0.28 16.24 12.63
N ARG C 66 -0.22 15.88 11.46
CA ARG C 66 -1.61 16.15 11.10
C ARG C 66 -2.27 14.85 10.64
N PHE C 67 -1.44 13.89 10.22
CA PHE C 67 -1.92 12.60 9.73
C PHE C 67 -2.00 11.60 10.88
N SER C 68 -3.00 10.73 10.81
CA SER C 68 -3.14 9.68 11.81
C SER C 68 -4.02 8.58 11.24
N GLY C 69 -3.92 7.40 11.86
CA GLY C 69 -4.72 6.26 11.45
C GLY C 69 -5.24 5.53 12.67
N SER C 70 -6.15 4.60 12.41
CA SER C 70 -6.77 3.82 13.47
C SER C 70 -7.38 2.56 12.86
N GLY C 71 -8.05 1.78 13.69
CA GLY C 71 -8.72 0.57 13.24
C GLY C 71 -7.82 -0.64 13.33
N SER C 72 -8.45 -1.81 13.27
CA SER C 72 -7.75 -3.08 13.32
C SER C 72 -8.60 -4.14 12.64
N GLY C 73 -7.97 -5.25 12.29
CA GLY C 73 -8.67 -6.34 11.63
C GLY C 73 -8.67 -6.20 10.13
N THR C 74 -9.75 -5.66 9.56
CA THR C 74 -9.85 -5.45 8.12
C THR C 74 -10.29 -4.03 7.77
N ASP C 75 -10.38 -3.13 8.74
CA ASP C 75 -10.82 -1.76 8.49
C ASP C 75 -9.80 -0.78 9.06
N PHE C 76 -9.41 0.20 8.24
CA PHE C 76 -8.49 1.25 8.65
C PHE C 76 -8.94 2.56 8.01
N THR C 77 -8.55 3.67 8.62
CA THR C 77 -8.95 4.99 8.14
C THR C 77 -7.84 6.00 8.38
N LEU C 78 -7.53 6.79 7.35
CA LEU C 78 -6.58 7.88 7.45
C LEU C 78 -7.31 9.20 7.32
N LYS C 79 -6.91 10.19 8.13
CA LYS C 79 -7.54 11.49 8.12
C LYS C 79 -6.47 12.58 8.05
N ILE C 80 -6.81 13.67 7.36
CA ILE C 80 -5.97 14.85 7.26
C ILE C 80 -6.72 15.99 7.95
N SER C 81 -6.13 16.52 9.02
CA SER C 81 -6.82 17.55 9.80
C SER C 81 -7.03 18.82 9.00
N ARG C 82 -5.96 19.30 8.35
CA ARG C 82 -6.03 20.52 7.53
C ARG C 82 -5.20 20.29 6.29
N VAL C 83 -5.86 20.26 5.13
CA VAL C 83 -5.13 20.08 3.87
C VAL C 83 -4.46 21.40 3.47
N GLU C 84 -3.40 21.27 2.67
CA GLU C 84 -2.64 22.44 2.25
C GLU C 84 -2.41 22.43 0.74
N ALA C 85 -1.58 23.36 0.26
CA ALA C 85 -1.32 23.44 -1.17
C ALA C 85 -0.41 22.32 -1.66
N GLU C 86 0.39 21.73 -0.78
CA GLU C 86 1.35 20.72 -1.18
C GLU C 86 0.81 19.29 -1.05
N ASP C 87 -0.43 19.13 -0.61
CA ASP C 87 -1.01 17.81 -0.39
C ASP C 87 -1.65 17.23 -1.66
N VAL C 88 -1.24 17.69 -2.83
CA VAL C 88 -1.75 17.16 -4.08
C VAL C 88 -0.95 15.93 -4.45
N GLY C 89 -1.63 14.79 -4.59
CA GLY C 89 -0.95 13.56 -4.94
C GLY C 89 -1.90 12.38 -4.89
N VAL C 90 -1.32 11.20 -5.05
CA VAL C 90 -2.06 9.95 -5.07
C VAL C 90 -1.64 9.11 -3.87
N TYR C 91 -2.59 8.64 -3.09
CA TYR C 91 -2.31 7.90 -1.87
C TYR C 91 -2.52 6.42 -2.09
N TYR C 92 -1.66 5.61 -1.47
CA TYR C 92 -1.73 4.15 -1.57
C TYR C 92 -1.70 3.55 -0.17
N CYS C 93 -2.23 2.33 -0.07
CA CYS C 93 -2.16 1.57 1.18
C CYS C 93 -1.56 0.20 0.89
N MET C 94 -0.57 -0.19 1.70
CA MET C 94 0.13 -1.46 1.55
C MET C 94 -0.16 -2.38 2.73
N GLN C 95 -0.35 -3.66 2.43
CA GLN C 95 -0.36 -4.71 3.42
C GLN C 95 0.99 -5.41 3.42
N SER C 96 1.44 -5.82 4.60
CA SER C 96 2.74 -6.48 4.70
C SER C 96 2.69 -7.66 5.65
N LEU C 97 1.54 -8.33 5.77
CA LEU C 97 1.46 -9.48 6.65
C LEU C 97 2.23 -10.66 6.10
N GLN C 98 2.15 -10.90 4.79
CA GLN C 98 2.84 -12.05 4.20
C GLN C 98 3.11 -11.76 2.72
N ILE C 99 4.06 -12.52 2.18
CA ILE C 99 4.41 -12.41 0.76
C ILE C 99 3.25 -12.88 -0.10
N PRO C 100 2.89 -12.16 -1.18
CA PRO C 100 3.44 -10.89 -1.66
C PRO C 100 2.79 -9.68 -0.99
N GLY C 101 3.43 -8.52 -1.08
CA GLY C 101 2.82 -7.29 -0.62
C GLY C 101 2.42 -6.41 -1.78
N THR C 102 1.12 -6.21 -1.96
CA THR C 102 0.60 -5.46 -3.09
C THR C 102 -0.16 -4.23 -2.60
N PHE C 103 -0.18 -3.20 -3.44
CA PHE C 103 -0.79 -1.93 -3.09
C PHE C 103 -2.25 -1.92 -3.54
N GLY C 104 -2.88 -0.75 -3.52
CA GLY C 104 -4.24 -0.57 -3.97
C GLY C 104 -4.33 0.19 -5.28
N GLN C 105 -5.53 0.68 -5.58
CA GLN C 105 -5.75 1.40 -6.82
C GLN C 105 -5.18 2.82 -6.78
N GLY C 106 -5.28 3.48 -5.63
CA GLY C 106 -4.73 4.82 -5.49
C GLY C 106 -5.75 5.93 -5.51
N THR C 107 -6.04 6.48 -4.33
CA THR C 107 -6.96 7.60 -4.21
C THR C 107 -6.33 8.88 -4.72
N ARG C 108 -7.09 9.66 -5.48
CA ARG C 108 -6.62 10.94 -5.99
C ARG C 108 -7.32 12.03 -5.19
N LEU C 109 -6.53 12.87 -4.52
CA LEU C 109 -7.05 14.00 -3.75
C LEU C 109 -7.01 15.26 -4.62
N GLU C 110 -8.10 16.00 -4.62
CA GLU C 110 -8.22 17.22 -5.41
C GLU C 110 -8.42 18.42 -4.49
N ILE C 111 -7.71 19.51 -4.80
CA ILE C 111 -7.77 20.74 -4.01
C ILE C 111 -8.66 21.74 -4.73
N LYS C 112 -9.39 22.54 -3.97
CA LYS C 112 -10.39 23.46 -4.51
C LYS C 112 -9.94 24.90 -4.35
N ARG C 113 -10.46 25.77 -5.23
CA ARG C 113 -9.89 27.12 -5.46
C ARG C 113 -10.91 27.97 -6.21
N THR C 114 -10.93 29.26 -5.88
CA THR C 114 -11.82 30.19 -6.56
C THR C 114 -11.47 30.28 -8.04
N VAL C 115 -12.51 30.42 -8.87
CA VAL C 115 -12.34 30.38 -10.31
C VAL C 115 -11.54 31.60 -10.77
N ALA C 116 -10.59 31.38 -11.69
CA ALA C 116 -9.76 32.44 -12.23
C ALA C 116 -9.83 32.41 -13.74
N ALA C 117 -9.64 33.58 -14.35
CA ALA C 117 -9.77 33.71 -15.79
C ALA C 117 -8.57 33.10 -16.50
N PRO C 118 -8.78 32.19 -17.45
CA PRO C 118 -7.65 31.62 -18.19
C PRO C 118 -7.00 32.63 -19.13
N SER C 119 -5.72 32.39 -19.41
CA SER C 119 -4.96 33.19 -20.35
C SER C 119 -4.61 32.35 -21.56
N VAL C 120 -4.72 32.95 -22.74
CA VAL C 120 -4.57 32.23 -24.00
C VAL C 120 -3.44 32.85 -24.82
N PHE C 121 -2.76 32.00 -25.59
CA PHE C 121 -1.70 32.44 -26.49
C PHE C 121 -1.61 31.46 -27.65
N ILE C 122 -1.14 31.95 -28.79
CA ILE C 122 -1.03 31.15 -30.01
C ILE C 122 0.41 31.19 -30.51
N PHE C 123 0.89 30.06 -31.01
CA PHE C 123 2.28 29.93 -31.48
C PHE C 123 2.29 29.63 -32.97
N PRO C 124 2.52 30.63 -33.82
CA PRO C 124 2.65 30.35 -35.26
C PRO C 124 3.91 29.55 -35.52
N PRO C 125 3.89 28.68 -36.54
CA PRO C 125 5.11 27.93 -36.88
C PRO C 125 6.18 28.83 -37.45
N SER C 126 7.43 28.44 -37.25
CA SER C 126 8.57 29.15 -37.80
C SER C 126 9.09 28.42 -39.04
N ASP C 127 10.10 29.01 -39.67
CA ASP C 127 10.55 28.52 -40.97
C ASP C 127 11.18 27.13 -40.89
N GLU C 128 11.72 26.76 -39.73
CA GLU C 128 12.37 25.45 -39.62
C GLU C 128 11.35 24.33 -39.85
N GLN C 129 10.19 24.41 -39.19
CA GLN C 129 9.14 23.46 -39.46
C GLN C 129 8.55 23.65 -40.85
N LEU C 130 8.55 24.89 -41.35
CA LEU C 130 8.05 25.15 -42.69
C LEU C 130 8.91 24.50 -43.77
N LYS C 131 10.17 24.18 -43.45
CA LYS C 131 11.04 23.47 -44.39
C LYS C 131 11.31 22.02 -43.99
N SER C 132 10.93 21.61 -42.79
CA SER C 132 11.18 20.25 -42.33
C SER C 132 10.13 19.25 -42.82
N GLY C 133 9.03 19.72 -43.41
CA GLY C 133 8.01 18.85 -43.95
C GLY C 133 6.66 18.92 -43.25
N THR C 134 6.59 19.50 -42.06
CA THR C 134 5.33 19.58 -41.34
C THR C 134 5.27 20.89 -40.57
N ALA C 135 4.13 21.57 -40.65
CA ALA C 135 3.89 22.83 -39.95
C ALA C 135 2.94 22.60 -38.80
N SER C 136 3.25 23.16 -37.64
CA SER C 136 2.46 22.98 -36.43
C SER C 136 2.18 24.33 -35.79
N VAL C 137 0.93 24.54 -35.37
CA VAL C 137 0.52 25.73 -34.64
C VAL C 137 -0.02 25.28 -33.28
N VAL C 138 0.41 25.97 -32.23
CA VAL C 138 0.13 25.55 -30.86
C VAL C 138 -0.60 26.68 -30.13
N CYS C 139 -1.70 26.32 -29.46
CA CYS C 139 -2.46 27.24 -28.63
C CYS C 139 -2.17 26.94 -27.17
N LEU C 140 -2.02 28.00 -26.36
CA LEU C 140 -1.57 27.88 -24.99
C LEU C 140 -2.66 28.33 -24.02
N LEU C 141 -2.87 27.55 -22.96
CA LEU C 141 -3.80 27.88 -21.89
C LEU C 141 -3.05 27.76 -20.57
N ASN C 142 -3.19 28.77 -19.70
CA ASN C 142 -2.38 28.85 -18.50
C ASN C 142 -3.23 29.19 -17.28
N ASN C 143 -2.85 28.61 -16.14
CA ASN C 143 -3.34 28.94 -14.80
C ASN C 143 -4.86 29.17 -14.78
N PHE C 144 -5.60 28.12 -15.11
CA PHE C 144 -7.05 28.17 -15.09
C PHE C 144 -7.59 27.03 -14.21
N TYR C 145 -8.78 27.26 -13.67
CA TYR C 145 -9.49 26.29 -12.85
C TYR C 145 -10.99 26.52 -12.98
N PRO C 146 -11.80 25.46 -13.12
CA PRO C 146 -11.44 24.04 -13.17
C PRO C 146 -10.84 23.61 -14.51
N ARG C 147 -10.36 22.37 -14.59
CA ARG C 147 -9.75 21.88 -15.83
C ARG C 147 -10.79 21.75 -16.94
N GLU C 148 -12.07 21.68 -16.57
CA GLU C 148 -13.13 21.42 -17.54
C GLU C 148 -13.18 22.50 -18.62
N ALA C 149 -12.84 22.13 -19.84
CA ALA C 149 -12.84 23.04 -20.98
C ALA C 149 -12.83 22.18 -22.24
N LYS C 150 -12.90 22.83 -23.40
CA LYS C 150 -12.93 22.15 -24.69
C LYS C 150 -12.65 23.17 -25.77
N VAL C 151 -11.78 22.80 -26.71
CA VAL C 151 -11.25 23.75 -27.68
C VAL C 151 -11.54 23.27 -29.09
N GLN C 152 -11.59 24.22 -30.02
CA GLN C 152 -11.72 23.93 -31.44
C GLN C 152 -10.69 24.73 -32.21
N TRP C 153 -10.33 24.25 -33.39
CA TRP C 153 -9.49 24.98 -34.34
C TRP C 153 -10.35 25.38 -35.53
N LYS C 154 -10.44 26.69 -35.78
CA LYS C 154 -11.25 27.23 -36.86
C LYS C 154 -10.34 27.73 -37.95
N VAL C 155 -10.22 26.96 -39.03
CA VAL C 155 -9.34 27.28 -40.15
C VAL C 155 -10.22 27.78 -41.29
N ASP C 156 -10.06 29.06 -41.62
CA ASP C 156 -10.88 29.70 -42.65
C ASP C 156 -12.38 29.51 -42.38
N ASN C 157 -12.75 29.70 -41.11
CA ASN C 157 -14.14 29.56 -40.66
C ASN C 157 -14.69 28.16 -40.96
N ALA C 158 -13.82 27.15 -40.87
CA ALA C 158 -14.20 25.76 -41.08
C ALA C 158 -13.72 24.93 -39.91
N LEU C 159 -14.61 24.12 -39.36
CA LEU C 159 -14.26 23.27 -38.23
C LEU C 159 -13.31 22.16 -38.65
N GLN C 160 -12.32 21.88 -37.80
CA GLN C 160 -11.35 20.83 -38.04
C GLN C 160 -11.35 19.85 -36.87
N SER C 161 -11.18 18.57 -37.19
CA SER C 161 -11.15 17.54 -36.16
C SER C 161 -10.41 16.33 -36.71
N GLY C 162 -9.99 15.45 -35.79
CA GLY C 162 -9.32 14.22 -36.15
C GLY C 162 -7.84 14.35 -36.45
N ASN C 163 -7.27 15.55 -36.35
CA ASN C 163 -5.86 15.75 -36.63
C ASN C 163 -5.21 16.69 -35.62
N SER C 164 -5.73 16.73 -34.39
CA SER C 164 -5.20 17.60 -33.35
C SER C 164 -5.16 16.83 -32.03
N GLN C 165 -4.25 17.25 -31.16
CA GLN C 165 -4.10 16.64 -29.85
C GLN C 165 -3.84 17.71 -28.81
N GLU C 166 -4.37 17.50 -27.61
CA GLU C 166 -4.25 18.43 -26.50
C GLU C 166 -3.46 17.79 -25.36
N SER C 167 -2.72 18.62 -24.63
CA SER C 167 -1.91 18.18 -23.52
C SER C 167 -2.34 18.89 -22.24
N VAL C 168 -2.41 18.14 -21.14
CA VAL C 168 -2.84 18.66 -19.85
C VAL C 168 -1.76 18.35 -18.83
N THR C 169 -1.64 19.22 -17.82
CA THR C 169 -0.67 19.06 -16.75
C THR C 169 -1.39 18.81 -15.43
N GLU C 170 -0.76 18.03 -14.57
CA GLU C 170 -1.29 17.81 -13.23
C GLU C 170 -1.28 19.13 -12.45
N GLN C 171 -2.19 19.23 -11.48
CA GLN C 171 -2.38 20.48 -10.76
C GLN C 171 -1.11 20.89 -10.03
N ASP C 172 -0.76 22.17 -10.16
CA ASP C 172 0.44 22.69 -9.51
C ASP C 172 0.28 22.70 -8.01
N SER C 173 1.39 22.48 -7.30
CA SER C 173 1.38 22.41 -5.84
C SER C 173 1.56 23.76 -5.17
N LYS C 174 1.84 24.81 -5.92
CA LYS C 174 2.08 26.13 -5.34
C LYS C 174 0.87 27.05 -5.43
N ASP C 175 0.06 26.91 -6.47
CA ASP C 175 -1.10 27.78 -6.66
C ASP C 175 -2.38 27.01 -6.99
N SER C 176 -2.30 25.69 -7.18
CA SER C 176 -3.45 24.85 -7.52
C SER C 176 -4.08 25.31 -8.84
N THR C 177 -3.29 25.23 -9.91
CA THR C 177 -3.71 25.67 -11.23
C THR C 177 -3.50 24.57 -12.26
N TYR C 178 -4.32 24.58 -13.29
CA TYR C 178 -4.21 23.66 -14.42
C TYR C 178 -3.77 24.41 -15.66
N SER C 179 -2.96 23.76 -16.48
CA SER C 179 -2.50 24.33 -17.74
C SER C 179 -2.81 23.35 -18.87
N LEU C 180 -3.18 23.90 -20.02
CA LEU C 180 -3.53 23.08 -21.18
C LEU C 180 -2.90 23.67 -22.42
N SER C 181 -2.61 22.80 -23.40
CA SER C 181 -2.08 23.23 -24.68
C SER C 181 -2.67 22.35 -25.77
N SER C 182 -2.74 22.90 -26.98
CA SER C 182 -3.30 22.21 -28.13
C SER C 182 -2.30 22.24 -29.29
N THR C 183 -2.19 21.10 -29.98
CA THR C 183 -1.27 20.97 -31.11
C THR C 183 -2.04 20.53 -32.35
N LEU C 184 -1.70 21.12 -33.48
CA LEU C 184 -2.28 20.78 -34.77
C LEU C 184 -1.17 20.49 -35.78
N THR C 185 -1.35 19.42 -36.54
CA THR C 185 -0.38 19.01 -37.54
C THR C 185 -0.96 19.12 -38.94
N LEU C 186 -0.11 19.52 -39.89
CA LEU C 186 -0.54 19.71 -41.27
C LEU C 186 0.69 19.65 -42.17
N SER C 187 0.52 19.10 -43.37
CA SER C 187 1.61 18.95 -44.31
C SER C 187 1.80 20.23 -45.13
N LYS C 188 2.80 20.21 -46.02
CA LYS C 188 3.12 21.40 -46.79
C LYS C 188 2.13 21.62 -47.93
N ALA C 189 1.66 20.54 -48.55
CA ALA C 189 0.89 20.65 -49.78
C ALA C 189 -0.42 21.41 -49.55
N ASP C 190 -1.20 20.99 -48.57
CA ASP C 190 -2.48 21.62 -48.28
C ASP C 190 -2.36 22.84 -47.38
N TYR C 191 -1.14 23.16 -46.92
CA TYR C 191 -0.96 24.34 -46.07
C TYR C 191 -1.09 25.63 -46.86
N GLU C 192 -0.67 25.63 -48.12
CA GLU C 192 -0.70 26.85 -48.92
C GLU C 192 -2.08 27.01 -49.55
N LYS C 193 -3.13 26.98 -48.73
CA LYS C 193 -4.48 27.21 -49.20
C LYS C 193 -5.21 28.22 -48.32
N HIS C 194 -4.93 28.18 -47.01
CA HIS C 194 -5.62 29.00 -46.04
C HIS C 194 -4.78 30.23 -45.68
N LYS C 195 -5.45 31.20 -45.05
CA LYS C 195 -4.81 32.45 -44.65
C LYS C 195 -4.88 32.70 -43.15
N VAL C 196 -6.05 32.48 -42.52
CA VAL C 196 -6.29 32.85 -41.13
C VAL C 196 -6.46 31.57 -40.31
N TYR C 197 -5.81 31.54 -39.15
CA TYR C 197 -5.90 30.42 -38.22
C TYR C 197 -6.17 30.94 -36.82
N ALA C 198 -6.91 30.16 -36.04
CA ALA C 198 -7.25 30.56 -34.67
C ALA C 198 -7.58 29.32 -33.85
N CYS C 199 -7.55 29.50 -32.53
CA CYS C 199 -7.98 28.49 -31.58
C CYS C 199 -9.09 29.06 -30.71
N GLU C 200 -10.06 28.21 -30.37
CA GLU C 200 -11.23 28.63 -29.60
C GLU C 200 -11.14 28.10 -28.18
N VAL C 201 -11.44 28.95 -27.22
CA VAL C 201 -11.36 28.60 -25.79
C VAL C 201 -12.65 29.00 -25.11
N THR C 202 -13.26 28.05 -24.40
CA THR C 202 -14.46 28.30 -23.61
C THR C 202 -14.21 27.84 -22.18
N HIS C 203 -14.54 28.70 -21.22
CA HIS C 203 -14.34 28.37 -19.81
C HIS C 203 -15.58 28.77 -19.02
N GLN C 204 -15.75 28.10 -17.88
CA GLN C 204 -16.89 28.39 -17.01
C GLN C 204 -16.82 29.81 -16.46
N GLY C 205 -15.64 30.25 -16.05
CA GLY C 205 -15.48 31.58 -15.50
C GLY C 205 -15.48 32.70 -16.51
N LEU C 206 -15.45 32.38 -17.80
CA LEU C 206 -15.48 33.40 -18.85
C LEU C 206 -16.91 33.73 -19.22
N SER C 207 -17.24 35.02 -19.24
CA SER C 207 -18.59 35.44 -19.59
C SER C 207 -18.90 35.10 -21.04
N SER C 208 -17.95 35.32 -21.94
CA SER C 208 -18.14 35.08 -23.37
C SER C 208 -16.96 34.31 -23.92
N PRO C 209 -17.17 33.53 -24.98
CA PRO C 209 -16.04 32.86 -25.64
C PRO C 209 -15.04 33.88 -26.19
N VAL C 210 -13.77 33.52 -26.14
CA VAL C 210 -12.68 34.39 -26.58
C VAL C 210 -12.00 33.72 -27.77
N THR C 211 -11.80 34.49 -28.84
CA THR C 211 -11.17 34.00 -30.06
C THR C 211 -9.96 34.87 -30.39
N LYS C 212 -8.79 34.24 -30.47
CA LYS C 212 -7.56 34.91 -30.87
C LYS C 212 -7.06 34.28 -32.17
N SER C 213 -6.75 35.13 -33.15
CA SER C 213 -6.40 34.67 -34.48
C SER C 213 -5.12 35.35 -34.96
N PHE C 214 -4.60 34.84 -36.07
CA PHE C 214 -3.42 35.41 -36.72
C PHE C 214 -3.50 35.13 -38.21
N ASN C 215 -2.89 36.01 -38.99
CA ASN C 215 -2.90 35.91 -40.45
C ASN C 215 -1.52 35.55 -40.97
N ARG C 216 -1.48 34.60 -41.91
CA ARG C 216 -0.22 34.14 -42.46
C ARG C 216 0.35 35.16 -43.45
N GLY C 217 1.64 35.45 -43.32
CA GLY C 217 2.31 36.46 -44.13
C GLY C 217 2.99 37.56 -43.36
N GLU C 218 2.93 37.54 -42.03
CA GLU C 218 3.61 38.54 -41.20
C GLU C 218 4.57 37.83 -40.26
N CYS C 219 5.81 38.34 -40.18
CA CYS C 219 6.84 37.73 -39.35
C CYS C 219 6.54 37.93 -37.86
N GLN D 1 22.90 10.34 5.80
CA GLN D 1 21.73 10.21 4.93
C GLN D 1 22.09 9.39 3.69
N VAL D 2 21.11 8.69 3.13
CA VAL D 2 21.32 7.79 2.00
C VAL D 2 20.62 8.38 0.78
N GLN D 3 21.31 8.34 -0.37
CA GLN D 3 20.77 8.81 -1.64
C GLN D 3 20.97 7.73 -2.68
N LEU D 4 19.92 6.98 -2.98
CA LEU D 4 19.99 5.91 -3.95
C LEU D 4 19.96 6.48 -5.37
N GLN D 5 20.38 5.66 -6.32
CA GLN D 5 20.42 6.08 -7.72
C GLN D 5 20.56 4.86 -8.61
N GLU D 6 19.84 4.87 -9.72
CA GLU D 6 19.89 3.80 -10.70
C GLU D 6 20.73 4.21 -11.91
N SER D 7 21.01 3.24 -12.77
CA SER D 7 21.73 3.47 -14.01
C SER D 7 21.64 2.21 -14.86
N GLY D 8 21.51 2.40 -16.17
CA GLY D 8 21.43 1.28 -17.09
C GLY D 8 20.85 1.66 -18.44
N PRO D 9 20.71 0.67 -19.32
CA PRO D 9 20.14 0.94 -20.64
C PRO D 9 18.64 1.22 -20.55
N GLY D 10 18.14 1.94 -21.56
CA GLY D 10 16.74 2.31 -21.59
C GLY D 10 15.91 1.48 -22.54
N LEU D 11 16.51 1.06 -23.66
CA LEU D 11 15.81 0.28 -24.67
C LEU D 11 16.39 -1.13 -24.71
N VAL D 12 15.51 -2.12 -24.69
CA VAL D 12 15.90 -3.53 -24.72
C VAL D 12 15.02 -4.26 -25.73
N LYS D 13 15.61 -5.20 -26.45
CA LYS D 13 14.89 -6.00 -27.42
C LYS D 13 14.11 -7.12 -26.73
N PRO D 14 13.03 -7.60 -27.35
CA PRO D 14 12.24 -8.66 -26.73
C PRO D 14 13.06 -9.94 -26.52
N SER D 15 12.73 -10.66 -25.45
CA SER D 15 13.40 -11.91 -25.10
C SER D 15 14.91 -11.72 -24.94
N GLU D 16 15.30 -10.63 -24.28
CA GLU D 16 16.69 -10.34 -24.00
C GLU D 16 16.87 -9.97 -22.54
N THR D 17 18.04 -10.30 -22.00
CA THR D 17 18.31 -10.05 -20.59
C THR D 17 18.32 -8.55 -20.29
N LEU D 18 17.77 -8.20 -19.14
CA LEU D 18 17.69 -6.81 -18.69
C LEU D 18 18.58 -6.65 -17.46
N SER D 19 19.46 -5.65 -17.49
CA SER D 19 20.44 -5.46 -16.43
C SER D 19 20.41 -4.01 -15.97
N LEU D 20 20.37 -3.81 -14.65
CA LEU D 20 20.42 -2.48 -14.04
C LEU D 20 21.28 -2.55 -12.79
N THR D 21 21.40 -1.42 -12.10
CA THR D 21 22.26 -1.34 -10.92
C THR D 21 21.83 -0.14 -10.08
N CYS D 22 21.46 -0.40 -8.82
CA CYS D 22 21.06 0.66 -7.89
C CYS D 22 22.22 0.90 -6.93
N THR D 23 23.08 1.85 -7.27
CA THR D 23 24.21 2.21 -6.41
C THR D 23 23.72 2.89 -5.16
N VAL D 24 24.33 2.56 -4.02
CA VAL D 24 24.00 3.17 -2.74
C VAL D 24 25.19 3.98 -2.26
N SER D 25 24.92 5.19 -1.78
CA SER D 25 25.96 6.10 -1.33
C SER D 25 25.64 6.59 0.08
N GLY D 26 26.69 6.95 0.81
CA GLY D 26 26.53 7.47 2.16
C GLY D 26 26.55 6.39 3.22
N GLY D 27 25.38 5.98 3.67
CA GLY D 27 25.30 4.92 4.66
C GLY D 27 25.78 3.64 4.03
N PHE D 28 26.89 3.11 4.51
CA PHE D 28 27.47 1.88 3.95
C PHE D 28 26.87 0.59 4.50
N ILE D 29 27.73 -0.43 4.62
CA ILE D 29 27.32 -1.74 5.11
C ILE D 29 26.49 -1.69 6.39
N GLY D 30 25.43 -2.47 6.43
CA GLY D 30 24.55 -2.53 7.58
C GLY D 30 23.53 -3.65 7.48
N PRO D 31 22.78 -3.88 8.56
CA PRO D 31 21.75 -4.92 8.64
C PRO D 31 20.39 -4.46 8.11
N HIS D 32 20.33 -4.14 6.82
CA HIS D 32 19.10 -3.68 6.20
C HIS D 32 18.84 -4.45 4.91
N TYR D 33 17.62 -4.97 4.77
CA TYR D 33 17.17 -5.63 3.56
C TYR D 33 16.92 -4.61 2.47
N TRP D 34 17.21 -4.97 1.22
CA TRP D 34 16.97 -4.10 0.08
C TRP D 34 16.08 -4.81 -0.93
N SER D 35 15.22 -4.04 -1.59
CA SER D 35 14.17 -4.57 -2.47
C SER D 35 14.22 -3.89 -3.82
N TRP D 36 13.27 -4.26 -4.68
CA TRP D 36 13.03 -3.61 -5.95
C TRP D 36 11.54 -3.46 -6.14
N VAL D 37 11.14 -2.49 -6.98
CA VAL D 37 9.73 -2.21 -7.22
C VAL D 37 9.61 -1.51 -8.56
N ARG D 38 8.48 -1.73 -9.24
CA ARG D 38 8.26 -1.17 -10.57
C ARG D 38 6.84 -0.64 -10.66
N GLN D 39 6.53 0.00 -11.78
CA GLN D 39 5.22 0.61 -11.98
C GLN D 39 4.83 0.62 -13.45
N PRO D 40 3.80 -0.13 -13.86
CA PRO D 40 3.31 -0.01 -15.22
C PRO D 40 2.80 1.40 -15.48
N PRO D 41 2.90 1.88 -16.72
CA PRO D 41 2.50 3.26 -17.01
C PRO D 41 1.03 3.50 -16.72
N GLY D 42 0.76 4.50 -15.87
CA GLY D 42 -0.60 4.85 -15.52
C GLY D 42 -1.37 3.75 -14.81
N LYS D 43 -0.71 3.05 -13.90
CA LYS D 43 -1.33 1.97 -13.15
C LYS D 43 -0.79 2.00 -11.72
N GLY D 44 -1.02 0.91 -10.98
CA GLY D 44 -0.50 0.80 -9.63
C GLY D 44 0.96 0.42 -9.61
N LEU D 45 1.47 0.25 -8.39
CA LEU D 45 2.85 -0.17 -8.17
C LEU D 45 2.90 -1.66 -7.90
N GLU D 46 4.01 -2.28 -8.30
CA GLU D 46 4.20 -3.73 -8.18
C GLU D 46 5.54 -4.01 -7.53
N TRP D 47 5.51 -4.58 -6.33
CA TRP D 47 6.72 -5.00 -5.65
C TRP D 47 7.20 -6.35 -6.20
N ILE D 48 8.51 -6.49 -6.33
CA ILE D 48 9.12 -7.66 -6.97
C ILE D 48 9.71 -8.61 -5.95
N GLY D 49 10.73 -8.17 -5.21
CA GLY D 49 11.41 -9.05 -4.28
C GLY D 49 12.46 -8.28 -3.50
N TYR D 50 13.04 -8.95 -2.51
CA TYR D 50 14.03 -8.37 -1.62
C TYR D 50 15.24 -9.28 -1.51
N ILE D 51 16.40 -8.67 -1.28
CA ILE D 51 17.66 -9.40 -1.12
C ILE D 51 18.34 -8.90 0.16
N TYR D 52 18.92 -9.84 0.91
CA TYR D 52 19.68 -9.50 2.10
C TYR D 52 21.12 -9.17 1.73
N ILE D 53 21.86 -8.69 2.72
CA ILE D 53 23.26 -8.34 2.52
C ILE D 53 24.09 -9.57 2.19
N SER D 54 23.89 -10.65 2.97
CA SER D 54 24.66 -11.88 2.74
C SER D 54 24.33 -12.49 1.38
N GLY D 55 23.05 -12.55 1.03
CA GLY D 55 22.66 -13.12 -0.24
C GLY D 55 21.36 -13.89 -0.22
N SER D 56 20.87 -14.23 0.98
CA SER D 56 19.59 -14.91 1.09
C SER D 56 18.47 -14.01 0.57
N THR D 57 17.49 -14.61 -0.10
CA THR D 57 16.45 -13.83 -0.74
C THR D 57 15.18 -14.66 -0.88
N ASN D 58 14.06 -13.95 -1.06
CA ASN D 58 12.77 -14.54 -1.38
C ASN D 58 12.17 -13.80 -2.57
N TYR D 59 11.44 -14.52 -3.40
CA TYR D 59 10.97 -14.01 -4.68
C TYR D 59 9.46 -14.03 -4.77
N ASN D 60 8.94 -13.17 -5.63
CA ASN D 60 7.52 -13.20 -5.95
C ASN D 60 7.22 -14.44 -6.79
N PRO D 61 6.21 -15.23 -6.43
CA PRO D 61 5.95 -16.48 -7.18
C PRO D 61 5.71 -16.25 -8.66
N SER D 62 5.13 -15.12 -9.05
CA SER D 62 4.87 -14.87 -10.46
C SER D 62 6.17 -14.75 -11.26
N LEU D 63 7.18 -14.10 -10.68
CA LEU D 63 8.44 -13.83 -11.36
C LEU D 63 9.60 -14.61 -10.75
N LYS D 64 9.35 -15.86 -10.36
CA LYS D 64 10.36 -16.69 -9.73
C LYS D 64 11.05 -17.63 -10.71
N SER D 65 10.78 -17.49 -12.00
CA SER D 65 11.32 -18.41 -13.00
C SER D 65 12.32 -17.78 -13.97
N ARG D 66 12.34 -16.44 -14.08
CA ARG D 66 13.23 -15.80 -15.04
C ARG D 66 13.87 -14.53 -14.47
N LEU D 67 14.10 -14.49 -13.16
CA LEU D 67 14.64 -13.30 -12.52
C LEU D 67 15.70 -13.70 -11.51
N THR D 68 16.75 -12.88 -11.41
CA THR D 68 17.82 -13.10 -10.46
C THR D 68 18.28 -11.76 -9.88
N ILE D 69 18.88 -11.82 -8.70
CA ILE D 69 19.38 -10.63 -8.03
C ILE D 69 20.59 -11.01 -7.18
N SER D 70 21.58 -10.12 -7.13
CA SER D 70 22.79 -10.36 -6.36
C SER D 70 23.19 -9.11 -5.58
N VAL D 71 24.41 -9.09 -5.05
CA VAL D 71 24.93 -7.96 -4.30
C VAL D 71 26.45 -7.97 -4.37
N ASP D 72 27.04 -6.80 -4.14
CA ASP D 72 28.49 -6.65 -4.14
C ASP D 72 28.85 -5.62 -3.08
N MET D 73 29.54 -6.07 -2.02
CA MET D 73 29.84 -5.19 -0.89
C MET D 73 30.90 -4.16 -1.26
N SER D 74 31.89 -4.55 -2.05
CA SER D 74 33.03 -3.67 -2.33
C SER D 74 32.59 -2.40 -3.03
N LYS D 75 31.72 -2.52 -4.03
CA LYS D 75 31.29 -1.37 -4.83
C LYS D 75 30.00 -0.74 -4.34
N SER D 76 29.40 -1.27 -3.27
CA SER D 76 28.15 -0.76 -2.72
C SER D 76 27.06 -0.70 -3.78
N GLN D 77 26.96 -1.76 -4.58
CA GLN D 77 25.99 -1.84 -5.66
C GLN D 77 25.32 -3.21 -5.65
N PHE D 78 24.04 -3.22 -5.99
CA PHE D 78 23.30 -4.45 -6.21
C PHE D 78 22.54 -4.35 -7.52
N SER D 79 22.43 -5.46 -8.24
CA SER D 79 21.94 -5.46 -9.61
C SER D 79 20.72 -6.37 -9.75
N LEU D 80 19.90 -6.08 -10.74
CA LEU D 80 18.73 -6.87 -11.08
C LEU D 80 18.85 -7.37 -12.50
N THR D 81 18.72 -8.68 -12.68
CA THR D 81 18.80 -9.30 -14.00
C THR D 81 17.48 -9.99 -14.31
N LEU D 82 16.83 -9.57 -15.39
CA LEU D 82 15.57 -10.14 -15.84
C LEU D 82 15.73 -10.56 -17.29
N SER D 83 15.48 -11.83 -17.57
CA SER D 83 15.72 -12.42 -18.88
C SER D 83 14.43 -12.86 -19.53
N SER D 84 14.47 -12.98 -20.86
CA SER D 84 13.33 -13.41 -21.66
C SER D 84 12.11 -12.52 -21.40
N ALA D 85 12.33 -11.22 -21.32
CA ALA D 85 11.26 -10.28 -21.05
C ALA D 85 10.36 -10.11 -22.27
N THR D 86 9.15 -9.65 -22.01
CA THR D 86 8.17 -9.31 -23.04
C THR D 86 7.90 -7.81 -23.02
N ALA D 87 7.01 -7.38 -23.91
CA ALA D 87 6.64 -5.97 -23.96
C ALA D 87 5.87 -5.53 -22.73
N ALA D 88 5.30 -6.47 -21.97
CA ALA D 88 4.53 -6.11 -20.79
C ALA D 88 5.41 -5.59 -19.65
N ASP D 89 6.71 -5.80 -19.72
CA ASP D 89 7.62 -5.40 -18.65
C ASP D 89 8.15 -3.98 -18.82
N THR D 90 7.71 -3.25 -19.85
CA THR D 90 8.10 -1.87 -20.03
C THR D 90 7.48 -1.04 -18.90
N ALA D 91 8.33 -0.47 -18.05
CA ALA D 91 7.87 0.26 -16.87
C ALA D 91 9.05 1.04 -16.30
N VAL D 92 8.78 1.75 -15.19
CA VAL D 92 9.79 2.48 -14.45
C VAL D 92 10.14 1.69 -13.20
N TYR D 93 11.44 1.58 -12.91
CA TYR D 93 11.92 0.76 -11.81
C TYR D 93 12.49 1.64 -10.70
N TYR D 94 12.03 1.41 -9.48
CA TYR D 94 12.56 2.08 -8.29
C TYR D 94 13.23 1.05 -7.38
N CYS D 95 14.35 1.44 -6.78
CA CYS D 95 15.03 0.61 -5.80
C CYS D 95 14.83 1.22 -4.42
N ALA D 96 14.45 0.39 -3.46
CA ALA D 96 14.10 0.83 -2.12
C ALA D 96 15.26 0.59 -1.15
N ARG D 97 15.02 0.85 0.13
CA ARG D 97 16.00 0.60 1.18
C ARG D 97 15.47 -0.20 2.37
N GLY D 98 14.17 -0.17 2.65
CA GLY D 98 13.68 -0.86 3.81
C GLY D 98 13.34 -2.32 3.56
N GLY D 99 12.65 -2.59 2.47
CA GLY D 99 12.24 -3.95 2.16
C GLY D 99 10.95 -4.34 2.84
N GLY D 100 10.01 -4.90 2.08
CA GLY D 100 8.74 -5.33 2.64
C GLY D 100 8.80 -6.77 3.08
N TYR D 101 9.71 -7.08 4.00
CA TYR D 101 10.05 -8.47 4.30
C TYR D 101 9.04 -9.11 5.23
N LEU D 102 7.77 -9.12 4.80
CA LEU D 102 6.65 -9.73 5.52
C LEU D 102 6.67 -9.57 7.05
N GLU D 103 7.40 -8.59 7.53
CA GLU D 103 7.48 -8.32 8.96
C GLU D 103 6.89 -6.97 9.32
N THR D 104 7.44 -5.90 8.77
CA THR D 104 6.92 -4.54 8.94
C THR D 104 6.75 -3.81 7.63
N GLY D 105 7.66 -4.01 6.67
CA GLY D 105 7.63 -3.33 5.40
C GLY D 105 7.73 -1.82 5.48
N PRO D 106 8.70 -1.28 6.23
CA PRO D 106 8.91 0.17 6.20
C PRO D 106 9.78 0.56 5.03
N PHE D 107 9.16 1.18 4.02
CA PHE D 107 9.90 1.64 2.84
C PHE D 107 10.45 3.03 3.15
N GLU D 108 11.59 3.05 3.84
CA GLU D 108 12.10 4.29 4.39
C GLU D 108 12.65 5.22 3.31
N TYR D 109 13.23 4.67 2.24
CA TYR D 109 13.85 5.51 1.22
C TYR D 109 13.61 4.93 -0.16
N TRP D 110 13.39 5.80 -1.14
CA TRP D 110 13.13 5.39 -2.51
C TRP D 110 14.07 6.13 -3.45
N GLY D 111 14.30 5.51 -4.62
CA GLY D 111 15.22 6.06 -5.60
C GLY D 111 14.57 7.06 -6.53
N GLN D 112 15.38 7.58 -7.44
CA GLN D 112 14.89 8.56 -8.41
C GLN D 112 14.01 7.89 -9.47
N GLY D 113 14.48 6.77 -10.02
CA GLY D 113 13.70 6.04 -11.00
C GLY D 113 14.33 5.97 -12.37
N THR D 114 14.16 4.82 -13.05
CA THR D 114 14.66 4.63 -14.40
C THR D 114 13.60 3.92 -15.23
N LEU D 115 13.35 4.43 -16.44
CA LEU D 115 12.36 3.87 -17.34
C LEU D 115 13.04 2.96 -18.35
N VAL D 116 12.46 1.77 -18.56
CA VAL D 116 12.97 0.80 -19.51
C VAL D 116 11.85 0.42 -20.48
N THR D 117 12.19 0.28 -21.76
CA THR D 117 11.23 -0.01 -22.80
C THR D 117 11.61 -1.28 -23.54
N VAL D 118 10.61 -2.08 -23.90
CA VAL D 118 10.81 -3.32 -24.63
C VAL D 118 10.23 -3.13 -26.03
N SER D 119 11.09 -3.19 -27.05
CA SER D 119 10.66 -3.01 -28.43
C SER D 119 11.77 -3.49 -29.35
N SER D 120 11.53 -3.39 -30.65
CA SER D 120 12.50 -3.78 -31.66
C SER D 120 12.80 -2.67 -32.66
N ALA D 121 12.14 -1.50 -32.57
CA ALA D 121 12.67 -0.27 -33.18
C ALA D 121 13.97 0.15 -32.50
N SER D 122 14.73 0.99 -33.20
CA SER D 122 16.02 1.45 -32.71
C SER D 122 15.92 2.86 -32.15
N THR D 123 16.96 3.26 -31.42
CA THR D 123 17.02 4.58 -30.81
C THR D 123 17.22 5.65 -31.89
N LYS D 124 16.44 6.72 -31.80
CA LYS D 124 16.47 7.79 -32.78
C LYS D 124 16.75 9.13 -32.10
N GLY D 125 17.38 10.03 -32.85
CA GLY D 125 17.76 11.33 -32.33
C GLY D 125 16.74 12.41 -32.67
N PRO D 126 16.51 13.32 -31.73
CA PRO D 126 15.46 14.33 -31.90
C PRO D 126 15.89 15.46 -32.83
N SER D 127 14.93 16.33 -33.12
CA SER D 127 15.14 17.55 -33.90
C SER D 127 14.45 18.69 -33.16
N VAL D 128 15.25 19.58 -32.57
CA VAL D 128 14.72 20.65 -31.73
C VAL D 128 14.28 21.81 -32.60
N PHE D 129 13.07 22.31 -32.34
CA PHE D 129 12.53 23.44 -33.09
C PHE D 129 12.21 24.56 -32.10
N PRO D 130 12.80 25.74 -32.25
CA PRO D 130 12.53 26.83 -31.30
C PRO D 130 11.12 27.39 -31.46
N LEU D 131 10.57 27.87 -30.35
CA LEU D 131 9.26 28.52 -30.33
C LEU D 131 9.49 30.02 -30.19
N ALA D 132 9.71 30.68 -31.32
CA ALA D 132 10.02 32.10 -31.32
C ALA D 132 8.78 32.91 -30.94
N PRO D 133 8.90 33.88 -30.03
CA PRO D 133 7.75 34.73 -29.71
C PRO D 133 7.41 35.65 -30.88
N SER D 134 6.13 36.04 -30.94
CA SER D 134 5.63 36.90 -31.99
C SER D 134 4.72 37.96 -31.36
N SER D 135 4.10 38.78 -32.21
CA SER D 135 3.20 39.81 -31.73
C SER D 135 1.96 39.20 -31.07
N LYS D 136 1.40 38.15 -31.69
CA LYS D 136 0.25 37.48 -31.11
C LYS D 136 0.60 36.68 -29.86
N SER D 137 1.88 36.38 -29.65
CA SER D 137 2.32 35.69 -28.45
C SER D 137 2.31 36.59 -27.22
N THR D 138 2.06 37.88 -27.40
CA THR D 138 2.00 38.84 -26.30
C THR D 138 0.62 39.48 -26.26
N SER D 139 0.00 39.45 -25.08
CA SER D 139 -1.29 40.08 -24.83
C SER D 139 -1.11 41.03 -23.64
N GLY D 140 -0.68 42.25 -23.93
CA GLY D 140 -0.37 43.20 -22.89
C GLY D 140 1.13 43.27 -22.62
N GLY D 141 1.51 43.07 -21.36
CA GLY D 141 2.90 43.10 -20.95
C GLY D 141 3.54 41.76 -20.67
N THR D 142 2.90 40.65 -21.07
CA THR D 142 3.41 39.31 -20.79
C THR D 142 3.54 38.53 -22.10
N ALA D 143 4.70 37.91 -22.29
CA ALA D 143 4.96 37.09 -23.46
C ALA D 143 5.43 35.71 -23.03
N ALA D 144 5.16 34.72 -23.87
CA ALA D 144 5.51 33.32 -23.59
C ALA D 144 6.29 32.75 -24.75
N LEU D 145 7.21 31.83 -24.44
CA LEU D 145 8.02 31.18 -25.46
C LEU D 145 8.60 29.90 -24.88
N GLY D 146 9.15 29.08 -25.78
CA GLY D 146 9.76 27.83 -25.36
C GLY D 146 10.49 27.10 -26.47
N CYS D 147 10.49 25.78 -26.43
CA CYS D 147 11.13 24.96 -27.44
C CYS D 147 10.25 23.76 -27.76
N LEU D 148 10.40 23.22 -28.96
CA LEU D 148 9.73 22.01 -29.38
C LEU D 148 10.76 21.00 -29.87
N VAL D 149 10.67 19.77 -29.38
CA VAL D 149 11.52 18.68 -29.80
C VAL D 149 10.67 17.66 -30.53
N LYS D 150 11.18 17.12 -31.63
CA LYS D 150 10.42 16.22 -32.48
C LYS D 150 11.27 15.03 -32.89
N ASP D 151 10.59 13.90 -33.13
CA ASP D 151 11.19 12.69 -33.67
C ASP D 151 12.32 12.17 -32.78
N TYR D 152 11.96 11.77 -31.57
CA TYR D 152 12.90 11.16 -30.64
C TYR D 152 12.32 9.88 -30.08
N PHE D 153 13.19 8.91 -29.82
CA PHE D 153 12.81 7.63 -29.24
C PHE D 153 14.02 6.96 -28.63
N PRO D 154 13.91 6.39 -27.43
CA PRO D 154 12.73 6.34 -26.58
C PRO D 154 12.72 7.40 -25.48
N GLU D 155 11.73 7.31 -24.59
CA GLU D 155 11.57 8.26 -23.50
C GLU D 155 12.63 8.01 -22.42
N PRO D 156 12.89 9.00 -21.55
CA PRO D 156 12.34 10.35 -21.47
C PRO D 156 13.33 11.44 -21.90
N VAL D 157 12.91 12.70 -21.82
CA VAL D 157 13.75 13.84 -22.16
C VAL D 157 13.69 14.85 -21.02
N THR D 158 14.82 15.48 -20.73
CA THR D 158 14.92 16.50 -19.70
C THR D 158 15.20 17.85 -20.34
N VAL D 159 14.41 18.85 -19.98
CA VAL D 159 14.50 20.20 -20.54
C VAL D 159 14.76 21.18 -19.41
N SER D 160 15.78 22.01 -19.58
CA SER D 160 16.13 23.02 -18.59
C SER D 160 16.40 24.35 -19.30
N TRP D 161 16.22 25.44 -18.56
CA TRP D 161 16.33 26.79 -19.10
C TRP D 161 17.33 27.59 -18.29
N ASN D 162 18.25 28.28 -18.99
CA ASN D 162 19.25 29.13 -18.37
C ASN D 162 20.13 28.36 -17.38
N SER D 163 20.40 27.09 -17.70
CA SER D 163 21.21 26.22 -16.84
C SER D 163 20.65 26.17 -15.41
N GLY D 164 19.32 26.15 -15.31
CA GLY D 164 18.65 26.10 -14.02
C GLY D 164 18.40 27.45 -13.39
N ALA D 165 18.88 28.54 -13.99
CA ALA D 165 18.65 29.87 -13.42
C ALA D 165 17.23 30.36 -13.65
N LEU D 166 16.50 29.77 -14.58
CA LEU D 166 15.11 30.14 -14.87
C LEU D 166 14.22 28.98 -14.42
N THR D 167 13.63 29.11 -13.23
CA THR D 167 12.77 28.08 -12.68
C THR D 167 11.35 28.57 -12.40
N SER D 168 11.02 29.80 -12.75
CA SER D 168 9.69 30.35 -12.56
C SER D 168 8.96 30.39 -13.90
N GLY D 169 7.77 29.80 -13.94
CA GLY D 169 6.99 29.75 -15.16
C GLY D 169 7.35 28.64 -16.12
N VAL D 170 8.32 27.79 -15.77
CA VAL D 170 8.70 26.69 -16.65
C VAL D 170 7.63 25.62 -16.62
N HIS D 171 7.38 25.00 -17.78
CA HIS D 171 6.39 23.95 -17.89
C HIS D 171 6.80 22.97 -18.98
N THR D 172 6.68 21.67 -18.68
CA THR D 172 7.01 20.61 -19.62
C THR D 172 5.81 19.67 -19.70
N PHE D 173 5.09 19.73 -20.82
CA PHE D 173 3.90 18.91 -20.98
C PHE D 173 4.28 17.46 -21.29
N PRO D 174 3.47 16.51 -20.87
CA PRO D 174 3.78 15.10 -21.16
C PRO D 174 3.79 14.84 -22.67
N ALA D 175 4.64 13.90 -23.08
CA ALA D 175 4.80 13.60 -24.49
C ALA D 175 3.58 12.88 -25.03
N VAL D 176 3.40 12.95 -26.35
CA VAL D 176 2.30 12.32 -27.04
C VAL D 176 2.85 11.39 -28.11
N LEU D 177 2.08 10.37 -28.45
CA LEU D 177 2.47 9.37 -29.43
C LEU D 177 1.79 9.68 -30.75
N GLN D 178 2.57 9.82 -31.80
CA GLN D 178 2.04 10.10 -33.13
C GLN D 178 1.66 8.80 -33.83
N SER D 179 0.83 8.94 -34.88
CA SER D 179 0.45 7.78 -35.67
C SER D 179 1.64 7.15 -36.38
N SER D 180 2.57 7.98 -36.88
CA SER D 180 3.75 7.47 -37.56
C SER D 180 4.62 6.61 -36.65
N GLY D 181 4.54 6.80 -35.34
CA GLY D 181 5.30 6.01 -34.40
C GLY D 181 6.42 6.73 -33.68
N LEU D 182 6.56 8.05 -33.89
CA LEU D 182 7.61 8.83 -33.25
C LEU D 182 6.99 9.79 -32.25
N TYR D 183 7.55 9.83 -31.04
CA TYR D 183 6.99 10.65 -29.98
C TYR D 183 7.24 12.14 -30.24
N SER D 184 6.49 12.97 -29.54
CA SER D 184 6.59 14.43 -29.68
C SER D 184 6.34 15.08 -28.34
N LEU D 185 7.05 16.19 -28.09
CA LEU D 185 6.91 16.92 -26.84
C LEU D 185 7.42 18.35 -27.06
N SER D 186 6.77 19.30 -26.40
CA SER D 186 7.19 20.68 -26.43
C SER D 186 7.10 21.27 -25.03
N SER D 187 7.92 22.29 -24.78
CA SER D 187 7.93 22.99 -23.51
C SER D 187 7.86 24.49 -23.76
N VAL D 188 7.20 25.21 -22.86
CA VAL D 188 7.02 26.64 -22.98
C VAL D 188 7.25 27.29 -21.62
N VAL D 189 7.79 28.51 -21.63
CA VAL D 189 8.09 29.25 -20.41
C VAL D 189 7.39 30.60 -20.50
N THR D 190 6.68 30.96 -19.42
CA THR D 190 6.04 32.27 -19.32
C THR D 190 6.89 33.18 -18.43
N VAL D 191 7.04 34.43 -18.87
CA VAL D 191 7.91 35.39 -18.19
C VAL D 191 7.17 36.73 -18.10
N PRO D 192 7.35 37.50 -17.03
CA PRO D 192 6.84 38.88 -17.02
C PRO D 192 7.64 39.75 -17.98
N SER D 193 7.30 39.68 -19.26
CA SER D 193 8.14 40.20 -20.35
C SER D 193 8.25 41.71 -20.24
N SER D 194 9.40 42.17 -19.75
CA SER D 194 9.71 43.60 -19.70
C SER D 194 11.14 43.91 -20.11
N SER D 195 11.96 42.90 -20.40
CA SER D 195 13.37 43.09 -20.72
C SER D 195 13.79 42.34 -21.99
N LEU D 196 12.86 42.14 -22.92
CA LEU D 196 13.19 41.46 -24.17
C LEU D 196 14.14 42.31 -25.01
N GLY D 197 15.06 41.64 -25.69
CA GLY D 197 16.04 42.32 -26.50
C GLY D 197 17.46 41.95 -26.12
N THR D 198 17.69 41.71 -24.83
CA THR D 198 19.00 41.33 -24.33
C THR D 198 19.02 40.01 -23.57
N GLN D 199 17.89 39.54 -23.06
CA GLN D 199 17.86 38.27 -22.35
C GLN D 199 18.07 37.11 -23.33
N THR D 200 18.89 36.14 -22.93
CA THR D 200 19.20 34.99 -23.75
C THR D 200 18.32 33.81 -23.35
N TYR D 201 17.68 33.20 -24.34
CA TYR D 201 16.79 32.06 -24.13
C TYR D 201 17.46 30.81 -24.68
N ILE D 202 17.74 29.85 -23.79
CA ILE D 202 18.38 28.61 -24.16
C ILE D 202 17.64 27.47 -23.46
N CYS D 203 17.19 26.49 -24.25
CA CYS D 203 16.53 25.30 -23.70
C CYS D 203 17.54 24.15 -23.72
N ASN D 204 17.75 23.54 -22.55
CA ASN D 204 18.74 22.50 -22.38
C ASN D 204 18.08 21.14 -22.65
N VAL D 205 18.41 20.54 -23.79
CA VAL D 205 17.80 19.29 -24.23
C VAL D 205 18.82 18.18 -24.11
N ASN D 206 18.42 17.07 -23.49
CA ASN D 206 19.29 15.92 -23.28
C ASN D 206 18.58 14.65 -23.70
N HIS D 207 19.37 13.64 -24.07
CA HIS D 207 18.84 12.31 -24.39
C HIS D 207 19.92 11.30 -24.05
N LYS D 208 19.80 10.66 -22.89
CA LYS D 208 20.82 9.73 -22.43
C LYS D 208 21.01 8.54 -23.38
N PRO D 209 19.96 7.86 -23.86
CA PRO D 209 20.20 6.73 -24.77
C PRO D 209 20.95 7.09 -26.04
N SER D 210 20.73 8.28 -26.59
CA SER D 210 21.36 8.71 -27.83
C SER D 210 22.36 9.82 -27.62
N ASN D 211 22.81 10.05 -26.37
CA ASN D 211 23.82 11.01 -25.96
C ASN D 211 23.80 12.30 -26.77
N THR D 212 22.62 12.87 -26.97
CA THR D 212 22.44 14.08 -27.76
C THR D 212 22.16 15.25 -26.82
N LYS D 213 23.10 16.19 -26.76
CA LYS D 213 22.97 17.40 -25.95
C LYS D 213 22.99 18.61 -26.88
N VAL D 214 21.88 19.33 -26.91
CA VAL D 214 21.73 20.50 -27.78
C VAL D 214 21.13 21.64 -26.95
N ASP D 215 21.65 22.84 -27.15
CA ASP D 215 21.16 24.06 -26.50
C ASP D 215 20.71 25.01 -27.60
N LYS D 216 19.46 24.87 -28.03
CA LYS D 216 18.94 25.67 -29.13
C LYS D 216 18.66 27.09 -28.67
N ARG D 217 18.85 28.04 -29.59
CA ARG D 217 18.65 29.45 -29.32
C ARG D 217 17.29 29.89 -29.85
N VAL D 218 16.54 30.61 -29.02
CA VAL D 218 15.23 31.13 -29.39
C VAL D 218 15.30 32.65 -29.33
N GLU D 219 14.92 33.29 -30.43
CA GLU D 219 14.95 34.75 -30.53
C GLU D 219 13.63 35.25 -31.09
N PRO D 220 13.21 36.46 -30.70
CA PRO D 220 11.96 37.01 -31.24
C PRO D 220 12.05 37.27 -32.73
N LYS D 221 10.90 37.15 -33.39
CA LYS D 221 10.79 37.36 -34.84
C LYS D 221 11.76 36.50 -35.62
#